data_3WS6
#
_entry.id   3WS6
#
_cell.length_a   162.723
_cell.length_b   69.265
_cell.length_c   73.753
_cell.angle_alpha   90.000
_cell.angle_beta   90.000
_cell.angle_gamma   90.000
#
_symmetry.space_group_name_H-M   'P 21 21 2'
#
loop_
_entity.id
_entity.type
_entity.pdbx_description
1 polymer 'H-2 class I histocompatibility antigen, D-B alpha chain'
2 polymer Beta-2-microglobulin
3 polymer 'Mimotope 9-mer peptide'
4 non-polymer 'ZINC ION'
5 non-polymer IMIDAZOLE
6 non-polymer GLYCEROL
7 non-polymer 'SULFATE ION'
8 water water
#
loop_
_entity_poly.entity_id
_entity_poly.type
_entity_poly.pdbx_seq_one_letter_code
_entity_poly.pdbx_strand_id
1 'polypeptide(L)'
;PHSMRYFETAVSRPGLEEPRYISVGYVDNKEFVRFDSDAENPRYEPRAPWMEQEGPEYWERETQKAKGQEQWFRVSLRNL
LGYYNQSAGGSHTLQQMSGCDLGSDWRLLRGYLQFAYEGRDYIALNEDLKTWTAADMAAQITRRKWEQSGAAEHYKAYLE
GECVEWLHRYLKNGNATLLRTDSPKAHVTHHPRSKGEVTLRCWALGFYPADITLTWQLNGEELTQDMELVETRPAGDGTF
QKWASVVVPLGKEQNYTCRVYHEGLPEPLTLRWEP
;
A,B
2 'polypeptide(L)'
;MIQKTPQIQVYSRHPPENGKPNILNCYVTQFHPPHIEIQMLKNGKKIPKVEMSDMSFSKDWSFYILAHTEFTPTETDTYA
CRVKHDSMAEPKTVYWDRDM
;
D,C
3 'polypeptide(L)' YAIENYLEL E,F
#
# COMPACT_ATOMS: atom_id res chain seq x y z
N PRO A 1 10.42 -18.09 9.81
CA PRO A 1 11.77 -17.69 10.25
C PRO A 1 11.87 -16.23 10.71
N HIS A 2 11.14 -15.88 11.77
CA HIS A 2 11.15 -14.50 12.25
C HIS A 2 12.51 -14.08 12.77
N SER A 3 12.76 -12.78 12.80
CA SER A 3 14.06 -12.30 13.24
C SER A 3 13.97 -10.96 13.90
N MET A 4 14.98 -10.66 14.72
CA MET A 4 15.18 -9.33 15.27
C MET A 4 16.65 -8.99 15.12
N ARG A 5 16.94 -7.74 14.78
CA ARG A 5 18.30 -7.26 14.70
C ARG A 5 18.40 -5.85 15.23
N TYR A 6 19.53 -5.54 15.84
CA TYR A 6 19.92 -4.16 16.05
C TYR A 6 21.22 -3.88 15.31
N PHE A 7 21.15 -2.88 14.43
CA PHE A 7 22.27 -2.40 13.64
C PHE A 7 22.74 -1.08 14.24
N GLU A 8 23.96 -1.03 14.76
CA GLU A 8 24.48 0.18 15.45
C GLU A 8 25.70 0.74 14.75
N THR A 9 25.87 2.07 14.80
CA THR A 9 26.97 2.75 14.14
C THR A 9 27.47 3.91 14.99
N ALA A 10 28.78 4.01 15.14
CA ALA A 10 29.40 5.22 15.68
C ALA A 10 30.45 5.74 14.70
N VAL A 11 30.39 7.03 14.40
CA VAL A 11 31.36 7.63 13.50
C VAL A 11 32.07 8.72 14.30
N SER A 12 33.39 8.60 14.46
CA SER A 12 34.14 9.66 15.15
C SER A 12 34.26 10.88 14.27
N ARG A 13 34.30 12.05 14.89
CA ARG A 13 34.34 13.31 14.19
C ARG A 13 35.55 14.09 14.65
N PRO A 14 36.54 14.27 13.75
CA PRO A 14 37.81 14.98 13.96
C PRO A 14 37.60 16.33 14.65
N GLY A 15 38.27 16.58 15.78
CA GLY A 15 38.11 17.82 16.51
C GLY A 15 36.94 17.87 17.50
N LEU A 16 36.07 16.86 17.47
CA LEU A 16 34.99 16.76 18.43
C LEU A 16 35.18 15.49 19.27
N GLU A 17 34.82 15.58 20.54
CA GLU A 17 35.06 14.49 21.47
C GLU A 17 34.07 13.36 21.27
N GLU A 18 32.85 13.70 20.90
CA GLU A 18 31.80 12.69 20.86
C GLU A 18 31.48 12.22 19.44
N PRO A 19 31.54 10.91 19.21
CA PRO A 19 31.15 10.44 17.88
C PRO A 19 29.65 10.56 17.69
N ARG A 20 29.19 10.52 16.45
CA ARG A 20 27.77 10.37 16.22
C ARG A 20 27.40 8.91 16.36
N TYR A 21 26.35 8.62 17.09
CA TYR A 21 25.94 7.23 17.31
C TYR A 21 24.52 7.05 16.81
N ILE A 22 24.28 5.96 16.09
CA ILE A 22 22.95 5.67 15.57
C ILE A 22 22.65 4.18 15.75
N SER A 23 21.48 3.90 16.30
CA SER A 23 21.01 2.53 16.46
C SER A 23 19.67 2.34 15.78
N VAL A 24 19.54 1.24 15.05
CA VAL A 24 18.29 0.93 14.36
C VAL A 24 17.88 -0.50 14.68
N GLY A 25 16.64 -0.67 15.15
CA GLY A 25 16.13 -1.99 15.46
C GLY A 25 15.25 -2.49 14.34
N TYR A 26 15.32 -3.79 14.05
CA TYR A 26 14.49 -4.40 13.00
C TYR A 26 13.79 -5.65 13.51
N VAL A 27 12.54 -5.82 13.07
CA VAL A 27 11.84 -7.10 13.16
C VAL A 27 11.53 -7.55 11.75
N ASP A 28 11.96 -8.77 11.42
CA ASP A 28 11.76 -9.33 10.11
C ASP A 28 12.21 -8.37 9.00
N ASN A 29 13.37 -7.75 9.22
CA ASN A 29 14.05 -6.89 8.25
C ASN A 29 13.35 -5.57 8.01
N LYS A 30 12.36 -5.25 8.85
CA LYS A 30 11.67 -3.97 8.74
C LYS A 30 11.93 -3.16 9.98
N GLU A 31 12.31 -1.90 9.77
CA GLU A 31 12.69 -1.01 10.88
C GLU A 31 11.50 -0.81 11.82
N PHE A 32 11.71 -0.92 13.12
CA PHE A 32 10.61 -0.63 14.05
C PHE A 32 11.01 0.35 15.16
N VAL A 33 12.31 0.52 15.41
CA VAL A 33 12.79 1.62 16.29
C VAL A 33 14.08 2.25 15.78
N ARG A 34 14.38 3.46 16.22
CA ARG A 34 15.63 4.09 15.88
C ARG A 34 16.09 5.10 16.94
N PHE A 35 17.40 5.12 17.19
CA PHE A 35 18.01 6.10 18.08
C PHE A 35 19.09 6.84 17.32
N ASP A 36 19.16 8.15 17.52
CA ASP A 36 20.18 8.96 16.85
C ASP A 36 20.68 10.01 17.83
N SER A 37 21.99 9.97 18.13
CA SER A 37 22.58 10.89 19.09
C SER A 37 22.57 12.36 18.64
N ASP A 38 22.45 12.60 17.34
CA ASP A 38 22.53 13.98 16.84
C ASP A 38 21.19 14.69 16.98
N ALA A 39 20.16 13.97 17.43
CA ALA A 39 18.84 14.53 17.66
C ALA A 39 18.87 15.64 18.71
N GLU A 40 17.74 16.30 18.93
CA GLU A 40 17.70 17.48 19.79
C GLU A 40 17.97 17.08 21.23
N ASN A 41 17.09 16.23 21.78
CA ASN A 41 17.49 15.38 22.91
C ASN A 41 17.06 13.94 22.57
N PRO A 42 18.07 13.11 22.32
CA PRO A 42 17.93 11.80 21.71
C PRO A 42 17.14 10.79 22.50
N ARG A 43 16.16 10.15 21.87
CA ARG A 43 15.46 9.02 22.48
C ARG A 43 15.29 7.90 21.46
N TYR A 44 15.08 6.67 21.92
CA TYR A 44 14.57 5.66 21.00
C TYR A 44 13.16 6.10 20.60
N GLU A 45 12.84 6.04 19.31
CA GLU A 45 11.50 6.38 18.84
C GLU A 45 10.93 5.21 18.03
N PRO A 46 9.59 5.05 18.07
CA PRO A 46 8.91 4.01 17.29
C PRO A 46 8.92 4.35 15.81
N ARG A 47 9.26 3.38 14.97
CA ARG A 47 9.28 3.59 13.53
C ARG A 47 8.16 2.80 12.86
N ALA A 48 7.36 2.16 13.69
CA ALA A 48 6.17 1.46 13.20
C ALA A 48 5.06 1.72 14.19
N PRO A 49 3.85 2.01 13.70
CA PRO A 49 2.71 2.37 14.53
C PRO A 49 2.37 1.33 15.59
N TRP A 50 2.59 0.05 15.33
CA TRP A 50 2.25 -0.95 16.33
C TRP A 50 3.17 -0.88 17.56
N MET A 51 4.33 -0.22 17.44
CA MET A 51 5.24 -0.08 18.58
C MET A 51 4.76 0.97 19.58
N GLU A 52 3.80 1.80 19.17
CA GLU A 52 3.27 2.82 20.05
C GLU A 52 2.45 2.23 21.19
N GLN A 53 2.16 0.94 21.14
CA GLN A 53 1.45 0.33 22.25
C GLN A 53 2.41 0.02 23.41
N GLU A 54 3.70 0.34 23.26
CA GLU A 54 4.65 0.29 24.37
C GLU A 54 4.63 1.58 25.19
N GLY A 55 4.66 1.46 26.52
CA GLY A 55 4.53 2.60 27.42
C GLY A 55 5.81 3.39 27.69
N PRO A 56 5.68 4.51 28.40
CA PRO A 56 6.79 5.43 28.67
C PRO A 56 8.00 4.73 29.31
N GLU A 57 7.73 3.77 30.19
CA GLU A 57 8.80 3.02 30.85
C GLU A 57 9.65 2.26 29.84
N TYR A 58 9.01 1.63 28.86
CA TYR A 58 9.74 0.92 27.82
C TYR A 58 10.70 1.87 27.08
N TRP A 59 10.19 2.99 26.61
CA TRP A 59 11.00 3.94 25.85
C TRP A 59 12.12 4.51 26.70
N GLU A 60 11.82 4.80 27.97
CA GLU A 60 12.85 5.35 28.85
C GLU A 60 13.96 4.32 29.12
N ARG A 61 13.58 3.07 29.36
CA ARG A 61 14.56 2.02 29.58
C ARG A 61 15.42 1.78 28.33
N GLU A 62 14.80 1.71 27.17
CA GLU A 62 15.55 1.55 25.92
C GLU A 62 16.50 2.71 25.65
N THR A 63 16.06 3.92 25.95
CA THR A 63 16.85 5.11 25.69
C THR A 63 18.09 5.12 26.57
N GLN A 64 17.94 4.68 27.81
CA GLN A 64 19.09 4.65 28.71
C GLN A 64 20.12 3.64 28.17
N LYS A 65 19.66 2.53 27.59
CA LYS A 65 20.57 1.60 26.94
C LYS A 65 21.37 2.25 25.81
N ALA A 66 20.69 3.06 25.00
CA ALA A 66 21.38 3.75 23.91
C ALA A 66 22.46 4.66 24.45
N LYS A 67 22.16 5.32 25.58
CA LYS A 67 23.08 6.27 26.19
C LYS A 67 24.33 5.52 26.62
N GLY A 68 24.10 4.31 27.13
CA GLY A 68 25.18 3.41 27.47
C GLY A 68 25.98 3.03 26.24
N GLN A 69 25.30 2.59 25.19
CA GLN A 69 25.96 2.13 23.98
C GLN A 69 26.80 3.26 23.39
N GLU A 70 26.27 4.47 23.46
CA GLU A 70 26.97 5.63 22.94
C GLU A 70 28.35 5.78 23.60
N GLN A 71 28.40 5.58 24.92
CA GLN A 71 29.67 5.70 25.64
C GLN A 71 30.58 4.53 25.30
N TRP A 72 29.98 3.35 25.25
CA TRP A 72 30.69 2.13 24.90
C TRP A 72 31.42 2.27 23.57
N PHE A 73 30.74 2.85 22.58
CA PHE A 73 31.34 3.00 21.26
C PHE A 73 32.43 4.07 21.24
N ARG A 74 32.24 5.12 22.05
CA ARG A 74 33.25 6.17 22.18
C ARG A 74 34.57 5.61 22.72
N VAL A 75 34.49 4.83 23.80
CA VAL A 75 35.68 4.24 24.39
C VAL A 75 36.32 3.26 23.40
N SER A 76 35.49 2.44 22.77
CA SER A 76 35.97 1.44 21.81
C SER A 76 36.69 2.08 20.61
N LEU A 77 36.14 3.16 20.09
CA LEU A 77 36.83 3.90 19.02
C LEU A 77 38.21 4.40 19.45
N ARG A 78 38.30 4.91 20.68
CA ARG A 78 39.58 5.40 21.15
C ARG A 78 40.56 4.23 21.33
N ASN A 79 40.08 3.11 21.87
CA ASN A 79 40.92 1.92 22.00
C ASN A 79 41.47 1.46 20.65
N LEU A 80 40.58 1.38 19.66
CA LEU A 80 40.94 0.95 18.30
C LEU A 80 42.02 1.83 17.67
N LEU A 81 41.92 3.13 17.94
CA LEU A 81 42.92 4.09 17.50
C LEU A 81 44.29 3.66 18.03
N GLY A 82 44.33 3.23 19.28
CA GLY A 82 45.54 2.72 19.87
C GLY A 82 46.04 1.47 19.14
N TYR A 83 45.18 0.47 19.00
CA TYR A 83 45.60 -0.82 18.46
C TYR A 83 46.17 -0.71 17.05
N TYR A 84 45.57 0.16 16.24
CA TYR A 84 45.98 0.28 14.85
C TYR A 84 47.03 1.35 14.69
N ASN A 85 47.38 2.00 15.80
CA ASN A 85 48.32 3.11 15.82
C ASN A 85 47.94 4.20 14.82
N GLN A 86 46.67 4.58 14.81
CA GLN A 86 46.16 5.56 13.86
C GLN A 86 46.23 6.98 14.41
N SER A 87 46.05 7.96 13.52
CA SER A 87 46.06 9.38 13.90
C SER A 87 44.66 9.85 14.30
N ALA A 88 44.62 10.86 15.17
CA ALA A 88 43.35 11.29 15.77
C ALA A 88 42.61 12.33 14.93
N GLY A 89 43.26 12.79 13.86
CA GLY A 89 42.67 13.81 13.01
C GLY A 89 41.76 13.28 11.91
N GLY A 90 41.50 11.98 11.90
CA GLY A 90 40.67 11.39 10.87
C GLY A 90 39.34 10.91 11.41
N SER A 91 38.42 10.58 10.50
CA SER A 91 37.17 9.94 10.90
C SER A 91 37.23 8.41 10.75
N HIS A 92 36.65 7.71 11.73
CA HIS A 92 36.64 6.26 11.73
C HIS A 92 35.26 5.75 12.12
N THR A 93 34.97 4.51 11.73
CA THR A 93 33.63 3.94 11.86
C THR A 93 33.64 2.60 12.57
N LEU A 94 32.75 2.47 13.53
CA LEU A 94 32.56 1.22 14.26
C LEU A 94 31.11 0.79 14.13
N GLN A 95 30.89 -0.44 13.68
CA GLN A 95 29.53 -0.94 13.52
C GLN A 95 29.33 -2.25 14.25
N GLN A 96 28.09 -2.48 14.66
CA GLN A 96 27.72 -3.71 15.34
C GLN A 96 26.40 -4.25 14.80
N MET A 97 26.29 -5.57 14.64
CA MET A 97 25.01 -6.20 14.36
C MET A 97 24.76 -7.23 15.45
N SER A 98 23.54 -7.27 15.96
CA SER A 98 23.19 -8.36 16.87
C SER A 98 21.72 -8.72 16.77
N GLY A 99 21.37 -9.87 17.34
CA GLY A 99 19.99 -10.26 17.36
C GLY A 99 19.83 -11.73 17.14
N CYS A 100 18.62 -12.14 16.79
CA CYS A 100 18.28 -13.59 16.80
C CYS A 100 17.31 -13.98 15.71
N ASP A 101 17.41 -15.24 15.27
CA ASP A 101 16.44 -15.87 14.38
C ASP A 101 15.60 -16.88 15.18
N LEU A 102 14.28 -16.79 15.06
CA LEU A 102 13.36 -17.70 15.78
C LEU A 102 12.61 -18.63 14.83
N GLY A 103 12.55 -19.92 15.16
CA GLY A 103 11.79 -20.86 14.34
C GLY A 103 10.30 -20.84 14.65
N SER A 104 9.53 -21.62 13.92
CA SER A 104 8.09 -21.61 14.11
C SER A 104 7.70 -22.35 15.40
N ASP A 105 8.64 -23.09 15.98
CA ASP A 105 8.44 -23.77 17.25
C ASP A 105 9.02 -22.93 18.40
N TRP A 106 9.40 -21.69 18.07
CA TRP A 106 9.95 -20.73 19.01
C TRP A 106 11.33 -21.09 19.53
N ARG A 107 11.97 -22.05 18.87
CA ARG A 107 13.36 -22.34 19.23
C ARG A 107 14.31 -21.31 18.59
N LEU A 108 15.30 -20.86 19.35
CA LEU A 108 16.36 -20.02 18.80
C LEU A 108 17.09 -20.81 17.71
N LEU A 109 17.09 -20.28 16.49
CA LEU A 109 17.76 -20.94 15.37
C LEU A 109 19.22 -20.49 15.25
N ARG A 110 19.46 -19.20 15.42
CA ARG A 110 20.82 -18.68 15.44
C ARG A 110 20.85 -17.35 16.19
N GLY A 111 21.90 -17.15 16.99
CA GLY A 111 22.15 -15.85 17.59
C GLY A 111 23.28 -15.16 16.85
N TYR A 112 23.24 -13.82 16.78
CA TYR A 112 24.26 -13.06 16.05
C TYR A 112 24.87 -11.97 16.91
N LEU A 113 26.19 -11.81 16.81
CA LEU A 113 26.89 -10.68 17.42
C LEU A 113 28.18 -10.42 16.65
N GLN A 114 28.19 -9.36 15.85
CA GLN A 114 29.27 -9.07 14.93
C GLN A 114 29.67 -7.60 14.99
N PHE A 115 30.96 -7.33 14.91
CA PHE A 115 31.47 -5.96 14.86
C PHE A 115 32.34 -5.77 13.62
N ALA A 116 32.35 -4.55 13.10
CA ALA A 116 33.27 -4.17 12.03
C ALA A 116 33.94 -2.86 12.38
N TYR A 117 35.21 -2.73 12.00
CA TYR A 117 35.92 -1.47 12.11
C TYR A 117 36.36 -1.04 10.71
N GLU A 118 36.14 0.23 10.39
CA GLU A 118 36.41 0.75 9.06
C GLU A 118 35.76 -0.11 7.98
N GLY A 119 34.57 -0.64 8.26
CA GLY A 119 33.82 -1.38 7.27
C GLY A 119 34.34 -2.78 7.00
N ARG A 120 35.28 -3.24 7.83
CA ARG A 120 35.81 -4.60 7.70
C ARG A 120 35.53 -5.41 8.96
N ASP A 121 35.20 -6.70 8.80
CA ASP A 121 35.03 -7.62 9.94
C ASP A 121 36.09 -7.35 11.00
N TYR A 122 35.66 -7.15 12.25
CA TYR A 122 36.63 -6.97 13.34
C TYR A 122 36.62 -8.21 14.24
N ILE A 123 35.51 -8.43 14.95
CA ILE A 123 35.37 -9.63 15.77
C ILE A 123 33.91 -10.09 15.72
N ALA A 124 33.70 -11.41 15.81
CA ALA A 124 32.35 -11.95 15.81
C ALA A 124 32.19 -13.11 16.79
N LEU A 125 31.00 -13.20 17.38
CA LEU A 125 30.65 -14.33 18.24
C LEU A 125 30.32 -15.49 17.32
N ASN A 126 30.93 -16.65 17.54
CA ASN A 126 30.63 -17.81 16.70
C ASN A 126 29.24 -18.32 16.98
N GLU A 127 28.79 -19.25 16.13
CA GLU A 127 27.45 -19.79 16.24
C GLU A 127 27.20 -20.49 17.58
N ASP A 128 28.25 -21.06 18.18
CA ASP A 128 28.11 -21.69 19.49
C ASP A 128 27.73 -20.71 20.61
N LEU A 129 27.87 -19.42 20.34
CA LEU A 129 27.63 -18.34 21.31
C LEU A 129 28.57 -18.43 22.53
N LYS A 130 29.76 -19.01 22.32
CA LYS A 130 30.73 -19.21 23.39
C LYS A 130 32.12 -18.70 23.02
N THR A 131 32.47 -18.73 21.74
CA THR A 131 33.82 -18.40 21.31
C THR A 131 33.86 -17.35 20.19
N TRP A 132 35.02 -16.71 20.04
CA TRP A 132 35.14 -15.54 19.18
C TRP A 132 35.99 -15.80 17.95
N THR A 133 35.59 -15.22 16.83
CA THR A 133 36.44 -15.19 15.65
C THR A 133 36.94 -13.77 15.45
N ALA A 134 38.26 -13.57 15.64
CA ALA A 134 38.89 -12.28 15.41
C ALA A 134 39.54 -12.23 14.02
N ALA A 135 39.30 -11.16 13.29
CA ALA A 135 39.69 -11.13 11.87
C ALA A 135 41.10 -10.60 11.59
N ASP A 136 41.73 -9.93 12.56
CA ASP A 136 43.09 -9.46 12.34
C ASP A 136 43.82 -9.32 13.65
N MET A 137 45.08 -8.89 13.55
CA MET A 137 45.98 -8.85 14.71
C MET A 137 45.43 -7.96 15.82
N ALA A 138 44.94 -6.79 15.43
CA ALA A 138 44.35 -5.86 16.38
C ALA A 138 43.18 -6.52 17.12
N ALA A 139 42.32 -7.20 16.37
CA ALA A 139 41.13 -7.81 16.93
C ALA A 139 41.44 -8.93 17.94
N GLN A 140 42.64 -9.51 17.85
CA GLN A 140 43.11 -10.51 18.81
C GLN A 140 43.29 -9.91 20.19
N ILE A 141 43.58 -8.61 20.26
CA ILE A 141 43.69 -7.93 21.54
C ILE A 141 42.32 -7.96 22.22
N THR A 142 41.30 -7.55 21.46
CA THR A 142 39.92 -7.59 21.94
C THR A 142 39.51 -9.01 22.32
N ARG A 143 39.79 -9.97 21.44
CA ARG A 143 39.44 -11.35 21.74
C ARG A 143 40.02 -11.81 23.08
N ARG A 144 41.33 -11.60 23.28
CA ARG A 144 41.96 -11.96 24.55
C ARG A 144 41.27 -11.26 25.71
N LYS A 145 40.96 -9.98 25.51
CA LYS A 145 40.37 -9.15 26.55
C LYS A 145 39.01 -9.72 26.90
N TRP A 146 38.26 -10.11 25.89
CA TRP A 146 36.89 -10.60 26.10
C TRP A 146 36.86 -12.04 26.62
N GLU A 147 37.84 -12.86 26.23
CA GLU A 147 37.97 -14.18 26.81
C GLU A 147 38.34 -14.11 28.28
N GLN A 148 39.23 -13.18 28.63
CA GLN A 148 39.64 -12.96 30.02
C GLN A 148 38.43 -12.63 30.90
N SER A 149 37.52 -11.83 30.38
CA SER A 149 36.41 -11.31 31.18
C SER A 149 35.12 -12.11 31.11
N GLY A 150 35.10 -13.15 30.27
CA GLY A 150 33.89 -13.92 30.09
C GLY A 150 32.77 -13.18 29.37
N ALA A 151 33.11 -12.24 28.49
CA ALA A 151 32.10 -11.46 27.78
C ALA A 151 31.05 -12.33 27.04
N ALA A 152 31.48 -13.45 26.47
CA ALA A 152 30.56 -14.23 25.63
C ALA A 152 29.31 -14.69 26.40
N GLU A 153 29.48 -15.00 27.68
CA GLU A 153 28.37 -15.46 28.52
C GLU A 153 27.26 -14.43 28.62
N HIS A 154 27.69 -13.16 28.67
CA HIS A 154 26.78 -12.03 28.79
C HIS A 154 25.92 -11.94 27.55
N TYR A 155 26.56 -12.03 26.39
CA TYR A 155 25.83 -11.94 25.13
C TYR A 155 24.97 -13.18 24.89
N LYS A 156 25.49 -14.36 25.24
CA LYS A 156 24.71 -15.59 25.13
C LYS A 156 23.39 -15.47 25.91
N ALA A 157 23.49 -14.92 27.12
CA ALA A 157 22.32 -14.74 27.98
C ALA A 157 21.28 -13.90 27.30
N TYR A 158 21.73 -12.80 26.68
CA TYR A 158 20.81 -11.91 26.00
C TYR A 158 20.20 -12.60 24.79
N LEU A 159 21.02 -13.27 24.00
CA LEU A 159 20.55 -13.82 22.74
C LEU A 159 19.54 -14.95 22.95
N GLU A 160 19.81 -15.77 23.96
CA GLU A 160 18.99 -16.94 24.24
C GLU A 160 17.79 -16.57 25.10
N GLY A 161 17.89 -15.41 25.76
CA GLY A 161 16.87 -14.98 26.70
C GLY A 161 16.01 -13.83 26.19
N GLU A 162 16.44 -12.60 26.48
CA GLU A 162 15.66 -11.42 26.18
C GLU A 162 15.39 -11.25 24.68
N CYS A 163 16.39 -11.52 23.85
CA CYS A 163 16.21 -11.30 22.41
C CYS A 163 15.02 -12.12 21.88
N VAL A 164 14.94 -13.39 22.25
CA VAL A 164 13.91 -14.23 21.69
C VAL A 164 12.56 -13.97 22.34
N GLU A 165 12.57 -13.64 23.63
CA GLU A 165 11.32 -13.38 24.34
C GLU A 165 10.69 -12.08 23.88
N TRP A 166 11.50 -11.03 23.73
CA TRP A 166 10.93 -9.77 23.31
C TRP A 166 10.50 -9.79 21.84
N LEU A 167 11.21 -10.56 21.01
CA LEU A 167 10.81 -10.71 19.62
C LEU A 167 9.44 -11.38 19.55
N HIS A 168 9.23 -12.40 20.37
CA HIS A 168 7.91 -13.01 20.45
C HIS A 168 6.86 -11.99 20.93
N ARG A 169 7.23 -11.17 21.91
CA ARG A 169 6.33 -10.12 22.38
C ARG A 169 5.91 -9.22 21.23
N TYR A 170 6.89 -8.77 20.45
CA TYR A 170 6.64 -7.91 19.31
C TYR A 170 5.77 -8.61 18.24
N LEU A 171 6.11 -9.85 17.91
CA LEU A 171 5.28 -10.63 16.99
C LEU A 171 3.84 -10.70 17.47
N LYS A 172 3.65 -10.89 18.76
CA LYS A 172 2.31 -10.93 19.31
C LYS A 172 1.64 -9.56 19.22
N ASN A 173 2.36 -8.52 19.61
CA ASN A 173 1.80 -7.17 19.62
C ASN A 173 1.57 -6.58 18.23
N GLY A 174 2.35 -6.98 17.24
CA GLY A 174 2.25 -6.37 15.93
C GLY A 174 1.76 -7.31 14.84
N ASN A 175 1.30 -8.50 15.25
CA ASN A 175 1.01 -9.61 14.34
C ASN A 175 0.44 -9.18 12.98
N ALA A 176 -0.77 -8.64 12.98
CA ALA A 176 -1.47 -8.23 11.75
C ALA A 176 -0.60 -7.45 10.79
N THR A 177 0.14 -6.49 11.32
CA THR A 177 0.95 -5.62 10.47
C THR A 177 2.25 -6.31 10.11
N LEU A 178 2.82 -7.03 11.07
CA LEU A 178 4.08 -7.75 10.86
C LEU A 178 3.95 -8.87 9.82
N LEU A 179 2.75 -9.42 9.66
CA LEU A 179 2.51 -10.51 8.72
C LEU A 179 1.97 -10.02 7.39
N ARG A 180 1.77 -8.72 7.25
CA ARG A 180 1.16 -8.19 6.03
C ARG A 180 2.11 -8.35 4.86
N THR A 181 1.57 -8.71 3.69
CA THR A 181 2.35 -8.70 2.46
C THR A 181 1.74 -7.78 1.44
N ASP A 182 2.55 -7.34 0.49
CA ASP A 182 2.08 -6.69 -0.73
C ASP A 182 2.51 -7.54 -1.91
N SER A 183 1.57 -7.86 -2.79
CA SER A 183 1.89 -8.67 -3.96
C SER A 183 2.63 -7.85 -5.01
N PRO A 184 3.54 -8.49 -5.75
CA PRO A 184 4.13 -7.75 -6.86
C PRO A 184 3.14 -7.59 -8.01
N LYS A 185 3.15 -6.42 -8.63
CA LYS A 185 2.40 -6.19 -9.85
C LYS A 185 3.40 -6.24 -10.97
N ALA A 186 3.17 -7.14 -11.93
CA ALA A 186 4.17 -7.45 -12.93
C ALA A 186 3.69 -7.07 -14.32
N HIS A 187 4.62 -6.65 -15.17
CA HIS A 187 4.33 -6.47 -16.59
C HIS A 187 5.64 -6.66 -17.37
N VAL A 188 5.51 -6.84 -18.67
CA VAL A 188 6.70 -7.02 -19.52
C VAL A 188 6.78 -5.86 -20.50
N THR A 189 7.94 -5.22 -20.57
CA THR A 189 8.16 -4.22 -21.61
C THR A 189 9.14 -4.73 -22.67
N HIS A 190 9.20 -4.01 -23.80
CA HIS A 190 9.86 -4.45 -25.02
C HIS A 190 10.73 -3.31 -25.52
N HIS A 191 12.03 -3.56 -25.72
CA HIS A 191 12.93 -2.49 -26.09
C HIS A 191 13.86 -2.92 -27.22
N PRO A 192 14.11 -2.00 -28.16
CA PRO A 192 15.09 -2.33 -29.20
C PRO A 192 16.49 -2.45 -28.56
N ARG A 193 17.35 -3.30 -29.10
CA ARG A 193 18.66 -3.53 -28.51
C ARG A 193 19.74 -3.30 -29.56
N SER A 194 19.60 -3.98 -30.68
CA SER A 194 20.51 -3.87 -31.81
C SER A 194 19.83 -4.46 -33.02
N LYS A 195 20.52 -4.48 -34.16
CA LYS A 195 19.93 -5.10 -35.35
C LYS A 195 19.69 -6.57 -35.07
N GLY A 196 18.47 -7.03 -35.37
CA GLY A 196 18.10 -8.42 -35.17
C GLY A 196 17.88 -8.83 -33.73
N GLU A 197 18.10 -7.93 -32.77
CA GLU A 197 17.88 -8.30 -31.37
C GLU A 197 17.11 -7.24 -30.57
N VAL A 198 16.29 -7.71 -29.64
CA VAL A 198 15.49 -6.85 -28.76
C VAL A 198 15.60 -7.27 -27.30
N THR A 199 15.25 -6.36 -26.41
CA THR A 199 15.25 -6.66 -24.98
C THR A 199 13.83 -6.84 -24.44
N LEU A 200 13.59 -7.95 -23.74
CA LEU A 200 12.38 -8.08 -22.95
C LEU A 200 12.75 -7.81 -21.50
N ARG A 201 11.95 -6.99 -20.81
CA ARG A 201 12.22 -6.65 -19.42
C ARG A 201 11.01 -6.99 -18.56
N CYS A 202 11.21 -7.90 -17.62
CA CYS A 202 10.13 -8.33 -16.76
C CYS A 202 10.20 -7.58 -15.45
N TRP A 203 9.15 -6.81 -15.17
CA TRP A 203 9.07 -5.91 -14.01
C TRP A 203 8.21 -6.47 -12.89
N ALA A 204 8.70 -6.37 -11.66
CA ALA A 204 7.87 -6.60 -10.48
C ALA A 204 7.89 -5.36 -9.61
N LEU A 205 6.71 -4.78 -9.39
CA LEU A 205 6.58 -3.52 -8.66
C LEU A 205 5.65 -3.65 -7.47
N GLY A 206 5.94 -2.85 -6.43
CA GLY A 206 5.06 -2.69 -5.29
C GLY A 206 5.00 -3.85 -4.31
N PHE A 207 6.04 -4.67 -4.22
CA PHE A 207 5.93 -5.86 -3.37
C PHE A 207 6.62 -5.72 -2.02
N TYR A 208 6.14 -6.51 -1.07
CA TYR A 208 6.73 -6.59 0.27
C TYR A 208 6.37 -7.97 0.82
N PRO A 209 7.35 -8.68 1.39
CA PRO A 209 8.74 -8.27 1.67
C PRO A 209 9.62 -8.19 0.42
N ALA A 210 10.89 -7.86 0.63
CA ALA A 210 11.81 -7.63 -0.49
C ALA A 210 12.17 -8.92 -1.21
N ASP A 211 12.15 -10.05 -0.49
CA ASP A 211 12.46 -11.34 -1.10
C ASP A 211 11.54 -11.60 -2.29
N ILE A 212 12.13 -12.02 -3.41
CA ILE A 212 11.38 -12.29 -4.63
C ILE A 212 12.30 -13.08 -5.55
N THR A 213 11.69 -13.85 -6.45
CA THR A 213 12.43 -14.55 -7.50
C THR A 213 11.78 -14.22 -8.85
N LEU A 214 12.60 -13.74 -9.78
CA LEU A 214 12.18 -13.49 -11.15
C LEU A 214 12.94 -14.45 -12.06
N THR A 215 12.24 -15.11 -12.95
CA THR A 215 12.89 -16.03 -13.88
C THR A 215 12.40 -15.81 -15.29
N TRP A 216 13.28 -16.11 -16.24
CA TRP A 216 12.94 -16.10 -17.63
C TRP A 216 13.03 -17.52 -18.14
N GLN A 217 12.15 -17.89 -19.05
CA GLN A 217 12.15 -19.25 -19.59
C GLN A 217 12.06 -19.22 -21.10
N LEU A 218 12.76 -20.14 -21.75
CA LEU A 218 12.62 -20.37 -23.18
C LEU A 218 12.05 -21.77 -23.39
N ASN A 219 10.97 -21.84 -24.16
CA ASN A 219 9.95 -22.90 -24.07
C ASN A 219 9.55 -23.08 -22.58
N GLY A 220 10.07 -24.07 -21.85
CA GLY A 220 9.77 -24.21 -20.44
C GLY A 220 11.01 -24.44 -19.64
N GLU A 221 12.15 -24.03 -20.20
CA GLU A 221 13.44 -24.22 -19.55
C GLU A 221 14.01 -22.89 -19.05
N GLU A 222 14.56 -22.88 -17.84
CA GLU A 222 15.00 -21.62 -17.23
C GLU A 222 16.33 -21.15 -17.79
N LEU A 223 16.58 -19.86 -17.67
CA LEU A 223 17.68 -19.21 -18.39
C LEU A 223 18.80 -18.67 -17.49
N THR A 224 19.85 -18.18 -18.14
CA THR A 224 20.90 -17.41 -17.48
C THR A 224 21.51 -16.36 -18.40
N MET A 227 21.19 -12.84 -19.15
CA MET A 227 20.01 -12.41 -18.40
C MET A 227 20.34 -11.43 -17.28
N GLU A 228 19.94 -10.16 -17.46
CA GLU A 228 20.30 -9.09 -16.53
C GLU A 228 19.27 -8.91 -15.42
N LEU A 229 19.74 -8.93 -14.18
CA LEU A 229 18.90 -8.88 -12.99
C LEU A 229 19.33 -7.74 -12.06
N VAL A 230 18.54 -6.66 -11.95
CA VAL A 230 18.95 -5.55 -11.08
C VAL A 230 18.77 -5.93 -9.63
N GLU A 231 19.55 -5.28 -8.77
CA GLU A 231 19.37 -5.44 -7.34
C GLU A 231 18.00 -4.91 -6.97
N THR A 232 17.32 -5.61 -6.06
CA THR A 232 16.04 -5.19 -5.54
C THR A 232 16.16 -3.80 -4.92
N ARG A 233 15.20 -2.93 -5.19
CA ARG A 233 15.34 -1.54 -4.77
C ARG A 233 14.08 -0.98 -4.13
N PRO A 234 14.24 -0.07 -3.16
CA PRO A 234 13.04 0.50 -2.51
C PRO A 234 12.33 1.48 -3.42
N ALA A 235 11.01 1.41 -3.44
CA ALA A 235 10.19 2.38 -4.17
C ALA A 235 10.10 3.68 -3.39
N GLY A 236 10.37 3.59 -2.08
CA GLY A 236 10.33 4.75 -1.19
C GLY A 236 9.03 4.87 -0.42
N ASP A 237 8.08 3.97 -0.70
CA ASP A 237 6.77 4.00 -0.06
C ASP A 237 6.53 2.79 0.83
N GLY A 238 7.60 2.08 1.13
CA GLY A 238 7.51 0.88 1.93
C GLY A 238 7.61 -0.37 1.09
N THR A 239 7.44 -0.25 -0.23
CA THR A 239 7.53 -1.43 -1.10
C THR A 239 8.83 -1.48 -1.91
N PHE A 240 8.98 -2.55 -2.70
CA PHE A 240 10.22 -2.81 -3.43
C PHE A 240 9.97 -3.08 -4.89
N GLN A 241 11.04 -2.99 -5.70
CA GLN A 241 10.96 -3.20 -7.14
C GLN A 241 12.10 -4.13 -7.55
N LYS A 242 11.92 -4.76 -8.69
CA LYS A 242 12.99 -5.53 -9.29
C LYS A 242 12.61 -5.77 -10.73
N TRP A 243 13.60 -5.91 -11.60
CA TRP A 243 13.27 -6.44 -12.92
C TRP A 243 14.33 -7.40 -13.40
N ALA A 244 13.96 -8.22 -14.38
CA ALA A 244 14.87 -9.14 -15.03
C ALA A 244 14.69 -8.95 -16.52
N SER A 245 15.79 -8.85 -17.26
CA SER A 245 15.68 -8.67 -18.69
C SER A 245 16.49 -9.71 -19.45
N VAL A 246 16.11 -9.95 -20.69
CA VAL A 246 16.85 -10.84 -21.56
C VAL A 246 16.92 -10.24 -22.94
N VAL A 247 18.03 -10.48 -23.62
CA VAL A 247 18.18 -10.12 -25.03
C VAL A 247 17.74 -11.32 -25.86
N VAL A 248 16.77 -11.10 -26.74
CA VAL A 248 16.23 -12.18 -27.55
C VAL A 248 16.23 -11.79 -29.04
N PRO A 249 16.33 -12.76 -29.94
CA PRO A 249 16.33 -12.44 -31.38
C PRO A 249 14.97 -11.86 -31.83
N LEU A 250 14.99 -10.92 -32.77
CA LEU A 250 13.77 -10.39 -33.37
C LEU A 250 12.83 -11.51 -33.78
N GLY A 251 11.58 -11.42 -33.38
CA GLY A 251 10.58 -12.37 -33.85
C GLY A 251 10.40 -13.61 -33.00
N LYS A 252 11.21 -13.75 -31.95
CA LYS A 252 11.15 -14.91 -31.07
C LYS A 252 10.57 -14.58 -29.70
N GLU A 253 10.13 -13.33 -29.53
CA GLU A 253 9.60 -12.83 -28.25
C GLU A 253 8.59 -13.75 -27.59
N GLN A 254 7.75 -14.42 -28.38
CA GLN A 254 6.67 -15.22 -27.81
C GLN A 254 7.14 -16.56 -27.26
N ASN A 255 8.39 -16.93 -27.54
CA ASN A 255 8.96 -18.14 -26.97
C ASN A 255 9.51 -17.92 -25.56
N TYR A 256 9.51 -16.67 -25.12
CA TYR A 256 10.07 -16.33 -23.83
C TYR A 256 8.96 -16.01 -22.84
N THR A 257 9.12 -16.52 -21.62
CA THR A 257 8.12 -16.36 -20.58
C THR A 257 8.76 -15.94 -19.26
N CYS A 258 8.17 -14.95 -18.60
CA CYS A 258 8.66 -14.51 -17.30
C CYS A 258 7.83 -15.11 -16.17
N ARG A 259 8.48 -15.54 -15.10
CA ARG A 259 7.77 -16.05 -13.95
C ARG A 259 8.15 -15.27 -12.68
N VAL A 260 7.15 -14.97 -11.87
CA VAL A 260 7.39 -14.20 -10.66
C VAL A 260 6.94 -15.00 -9.45
N TYR A 261 7.86 -15.16 -8.51
CA TYR A 261 7.60 -15.91 -7.28
C TYR A 261 7.76 -15.01 -6.08
N HIS A 262 6.70 -14.91 -5.28
CA HIS A 262 6.70 -14.03 -4.12
C HIS A 262 5.69 -14.57 -3.12
N GLU A 263 6.03 -14.49 -1.84
CA GLU A 263 5.15 -15.07 -0.81
C GLU A 263 3.81 -14.34 -0.71
N GLY A 264 3.76 -13.10 -1.17
CA GLY A 264 2.54 -12.31 -1.21
C GLY A 264 1.54 -12.66 -2.32
N LEU A 265 1.95 -13.44 -3.31
CA LEU A 265 1.07 -13.84 -4.43
C LEU A 265 0.24 -15.07 -4.10
N PRO A 266 -1.02 -15.12 -4.56
CA PRO A 266 -1.80 -16.34 -4.32
C PRO A 266 -1.43 -17.45 -5.31
N GLU A 267 -0.70 -17.06 -6.35
CA GLU A 267 -0.29 -17.96 -7.42
C GLU A 267 0.88 -17.31 -8.13
N PRO A 268 1.94 -18.09 -8.42
CA PRO A 268 3.07 -17.55 -9.18
C PRO A 268 2.59 -16.94 -10.48
N LEU A 269 3.23 -15.86 -10.91
CA LEU A 269 2.85 -15.22 -12.15
C LEU A 269 3.60 -15.81 -13.33
N THR A 270 2.92 -15.81 -14.47
CA THR A 270 3.49 -16.21 -15.75
C THR A 270 3.12 -15.13 -16.76
N LEU A 271 4.12 -14.45 -17.32
CA LEU A 271 3.88 -13.32 -18.22
C LEU A 271 4.59 -13.50 -19.52
N ARG A 272 4.02 -12.93 -20.58
CA ARG A 272 4.66 -12.81 -21.88
C ARG A 272 4.56 -11.36 -22.36
N TRP A 273 5.43 -10.97 -23.28
CA TRP A 273 5.26 -9.68 -23.95
C TRP A 273 3.93 -9.69 -24.71
N GLU A 274 3.10 -8.67 -24.48
CA GLU A 274 1.84 -8.54 -25.21
C GLU A 274 1.87 -7.33 -26.14
N PRO A 275 1.85 -7.56 -27.46
CA PRO A 275 1.74 -6.46 -28.42
C PRO A 275 0.35 -5.85 -28.41
N LYS B 4 35.19 1.20 -0.50
CA LYS B 4 34.13 0.59 -1.31
C LYS B 4 33.42 1.61 -2.18
N THR B 5 33.38 1.34 -3.48
CA THR B 5 32.80 2.26 -4.46
C THR B 5 31.29 2.16 -4.55
N PRO B 6 30.62 3.30 -4.34
CA PRO B 6 29.16 3.36 -4.31
C PRO B 6 28.50 2.91 -5.62
N GLN B 7 27.43 2.14 -5.50
CA GLN B 7 26.63 1.70 -6.63
C GLN B 7 25.37 2.55 -6.67
N ILE B 8 24.90 2.88 -7.86
CA ILE B 8 23.79 3.82 -7.99
C ILE B 8 22.68 3.26 -8.87
N GLN B 9 21.43 3.38 -8.42
CA GLN B 9 20.31 3.17 -9.33
C GLN B 9 19.46 4.42 -9.37
N VAL B 10 19.07 4.83 -10.57
CA VAL B 10 18.15 5.96 -10.70
C VAL B 10 16.89 5.44 -11.37
N TYR B 11 15.74 5.71 -10.76
CA TYR B 11 14.50 5.09 -11.21
C TYR B 11 13.31 5.78 -10.58
N SER B 12 12.17 5.65 -11.23
CA SER B 12 10.94 6.26 -10.73
C SER B 12 10.18 5.34 -9.80
N ARG B 13 9.45 5.94 -8.86
CA ARG B 13 8.66 5.17 -7.91
C ARG B 13 7.57 4.41 -8.64
N HIS B 14 6.97 5.07 -9.61
CA HIS B 14 5.87 4.52 -10.40
C HIS B 14 6.26 4.47 -11.86
N PRO B 15 5.63 3.59 -12.64
CA PRO B 15 5.84 3.52 -14.10
C PRO B 15 5.59 4.90 -14.68
N PRO B 16 6.53 5.41 -15.47
CA PRO B 16 6.44 6.83 -15.82
C PRO B 16 5.41 7.11 -16.89
N GLU B 17 4.70 8.22 -16.75
CA GLU B 17 3.82 8.70 -17.80
C GLU B 17 4.11 10.15 -17.96
N ASN B 18 4.36 10.57 -19.19
CA ASN B 18 4.68 11.95 -19.44
C ASN B 18 3.54 12.84 -18.98
N GLY B 19 3.87 13.84 -18.18
CA GLY B 19 2.88 14.82 -17.77
C GLY B 19 2.28 14.46 -16.43
N LYS B 20 2.64 13.28 -15.92
CA LYS B 20 2.09 12.78 -14.66
C LYS B 20 3.09 12.83 -13.51
N PRO B 21 2.74 13.57 -12.45
CA PRO B 21 3.59 13.71 -11.26
C PRO B 21 4.05 12.35 -10.71
N ASN B 22 5.34 12.24 -10.44
CA ASN B 22 5.95 10.98 -10.05
C ASN B 22 7.01 11.27 -8.98
N ILE B 23 7.72 10.24 -8.54
CA ILE B 23 8.86 10.42 -7.64
C ILE B 23 10.10 9.86 -8.31
N LEU B 24 11.17 10.63 -8.37
CA LEU B 24 12.42 10.08 -8.89
C LEU B 24 13.31 9.67 -7.73
N ASN B 25 13.75 8.41 -7.77
CA ASN B 25 14.64 7.86 -6.76
C ASN B 25 16.08 7.80 -7.19
N CYS B 26 16.99 8.03 -6.24
CA CYS B 26 18.39 7.73 -6.45
C CYS B 26 18.85 6.87 -5.28
N TYR B 27 19.00 5.59 -5.54
CA TYR B 27 19.31 4.58 -4.52
C TYR B 27 20.81 4.32 -4.56
N VAL B 28 21.50 4.71 -3.51
CA VAL B 28 22.94 4.61 -3.49
C VAL B 28 23.37 3.55 -2.47
N THR B 29 24.17 2.57 -2.88
CA THR B 29 24.52 1.43 -2.03
C THR B 29 26.00 1.09 -2.06
N GLN B 30 26.39 0.11 -1.26
CA GLN B 30 27.73 -0.47 -1.27
C GLN B 30 28.85 0.53 -1.01
N PHE B 31 28.63 1.53 -0.17
CA PHE B 31 29.72 2.46 0.07
C PHE B 31 30.19 2.48 1.52
N HIS B 32 31.41 2.98 1.71
N HIS B 32 31.38 3.03 1.71
CA HIS B 32 31.99 3.18 3.03
CA HIS B 32 32.08 3.09 3.00
C HIS B 32 33.22 4.05 2.84
C HIS B 32 33.26 4.03 2.85
N PRO B 33 33.45 5.00 3.76
CA PRO B 33 32.69 5.35 4.97
C PRO B 33 31.34 5.99 4.66
N PRO B 34 30.50 6.19 5.69
CA PRO B 34 29.12 6.59 5.42
C PRO B 34 28.96 8.05 4.96
N HIS B 35 29.99 8.87 5.06
CA HIS B 35 29.86 10.24 4.57
C HIS B 35 29.81 10.24 3.06
N ILE B 36 28.79 10.90 2.51
CA ILE B 36 28.58 10.90 1.08
C ILE B 36 27.81 12.14 0.64
N GLU B 37 28.06 12.59 -0.60
CA GLU B 37 27.33 13.72 -1.11
C GLU B 37 26.55 13.31 -2.35
N ILE B 38 25.23 13.48 -2.26
CA ILE B 38 24.32 13.09 -3.32
C ILE B 38 23.57 14.31 -3.79
N GLN B 39 23.59 14.54 -5.10
CA GLN B 39 22.81 15.60 -5.71
C GLN B 39 21.99 15.03 -6.85
N MET B 40 20.77 15.54 -7.03
CA MET B 40 19.99 15.15 -8.19
C MET B 40 19.86 16.35 -9.09
N LEU B 41 19.86 16.12 -10.40
CA LEU B 41 19.97 17.20 -11.36
C LEU B 41 18.92 17.05 -12.44
N LYS B 42 18.31 18.16 -12.82
CA LYS B 42 17.35 18.19 -13.93
C LYS B 42 17.92 19.04 -15.06
N ASN B 43 18.12 18.42 -16.22
CA ASN B 43 18.74 19.09 -17.36
C ASN B 43 20.06 19.75 -17.00
N GLY B 44 20.83 19.09 -16.14
CA GLY B 44 22.13 19.58 -15.75
C GLY B 44 22.10 20.53 -14.56
N LYS B 45 20.90 20.87 -14.10
CA LYS B 45 20.73 21.85 -13.05
C LYS B 45 20.32 21.19 -11.74
N LYS B 46 21.05 21.55 -10.68
CA LYS B 46 20.75 21.06 -9.34
C LYS B 46 19.29 21.28 -8.93
N ILE B 47 18.64 20.19 -8.52
CA ILE B 47 17.28 20.25 -8.00
C ILE B 47 17.34 20.63 -6.53
N PRO B 48 16.66 21.72 -6.15
CA PRO B 48 16.82 22.23 -4.77
C PRO B 48 16.10 21.43 -3.69
N LYS B 49 14.98 20.77 -3.99
CA LYS B 49 14.25 20.04 -2.94
C LYS B 49 14.40 18.53 -3.08
N VAL B 50 15.41 18.01 -2.39
CA VAL B 50 15.75 16.58 -2.43
C VAL B 50 15.63 15.96 -1.05
N GLU B 51 14.90 14.86 -0.92
CA GLU B 51 14.72 14.20 0.35
C GLU B 51 15.77 13.11 0.50
N MET B 52 16.24 12.90 1.73
CA MET B 52 17.22 11.87 2.01
C MET B 52 16.68 10.95 3.07
N SER B 53 16.73 9.64 2.82
CA SER B 53 16.36 8.66 3.84
C SER B 53 17.36 8.70 4.97
N ASP B 54 17.05 8.04 6.06
CA ASP B 54 17.99 7.98 7.16
C ASP B 54 19.11 7.02 6.76
N MET B 55 20.21 7.09 7.49
CA MET B 55 21.36 6.24 7.22
C MET B 55 21.13 4.80 7.67
N SER B 56 21.43 3.87 6.78
CA SER B 56 21.29 2.45 7.10
C SER B 56 22.47 1.68 6.53
N PHE B 57 22.75 0.49 7.06
CA PHE B 57 23.76 -0.34 6.41
C PHE B 57 23.23 -1.74 6.34
N SER B 58 23.83 -2.55 5.47
CA SER B 58 23.32 -3.90 5.25
C SER B 58 24.30 -4.91 5.82
N LYS B 59 23.95 -6.19 5.72
CA LYS B 59 24.71 -7.28 6.32
C LYS B 59 26.19 -7.33 5.99
N ASP B 60 26.61 -6.73 4.88
CA ASP B 60 28.03 -6.79 4.50
C ASP B 60 28.77 -5.55 4.97
N TRP B 61 28.09 -4.80 5.85
CA TRP B 61 28.60 -3.60 6.53
C TRP B 61 28.50 -2.33 5.71
N SER B 62 28.27 -2.46 4.41
CA SER B 62 28.23 -1.27 3.57
C SER B 62 26.94 -0.47 3.79
N PHE B 63 27.04 0.84 3.65
CA PHE B 63 25.93 1.73 3.87
C PHE B 63 25.08 1.84 2.61
N TYR B 64 23.84 2.29 2.80
CA TYR B 64 22.96 2.65 1.69
C TYR B 64 22.02 3.79 2.09
N ILE B 65 21.51 4.48 1.09
CA ILE B 65 20.66 5.64 1.34
C ILE B 65 19.78 5.88 0.09
N LEU B 66 18.56 6.37 0.32
CA LEU B 66 17.64 6.68 -0.77
C LEU B 66 17.40 8.18 -0.86
N ALA B 67 17.82 8.82 -1.94
CA ALA B 67 17.48 10.21 -2.16
C ALA B 67 16.28 10.23 -3.11
N HIS B 68 15.37 11.18 -2.94
CA HIS B 68 14.29 11.26 -3.92
C HIS B 68 13.76 12.66 -4.10
N THR B 69 13.03 12.87 -5.18
CA THR B 69 12.49 14.19 -5.46
C THR B 69 11.19 14.08 -6.25
N GLU B 70 10.31 15.06 -6.04
CA GLU B 70 9.08 15.13 -6.81
C GLU B 70 9.47 15.53 -8.22
N PHE B 71 8.97 14.83 -9.23
CA PHE B 71 9.21 15.22 -10.62
C PHE B 71 8.06 14.81 -11.51
N THR B 72 7.95 15.49 -12.65
CA THR B 72 6.98 15.12 -13.66
C THR B 72 7.71 14.84 -14.95
N PRO B 73 7.84 13.55 -15.29
CA PRO B 73 8.55 13.20 -16.52
C PRO B 73 7.91 13.83 -17.75
N THR B 74 8.76 14.23 -18.69
CA THR B 74 8.33 14.68 -19.99
C THR B 74 9.13 13.89 -21.01
N GLU B 75 8.79 14.05 -22.28
CA GLU B 75 9.51 13.33 -23.32
C GLU B 75 11.00 13.71 -23.34
N THR B 76 11.30 14.95 -22.99
CA THR B 76 12.64 15.47 -23.25
C THR B 76 13.50 15.84 -22.01
N ASP B 77 12.89 16.09 -20.86
CA ASP B 77 13.68 16.45 -19.68
C ASP B 77 14.58 15.29 -19.25
N THR B 78 15.85 15.58 -18.99
CA THR B 78 16.77 14.55 -18.52
C THR B 78 17.03 14.71 -17.02
N TYR B 79 17.14 13.59 -16.31
CA TYR B 79 17.44 13.65 -14.89
C TYR B 79 18.67 12.81 -14.59
N ALA B 80 19.43 13.22 -13.59
CA ALA B 80 20.63 12.47 -13.22
C ALA B 80 20.84 12.52 -11.71
N CYS B 81 21.58 11.53 -11.22
CA CYS B 81 22.04 11.53 -9.84
C CYS B 81 23.56 11.56 -9.79
N ARG B 82 24.08 12.52 -9.03
CA ARG B 82 25.52 12.78 -9.00
C ARG B 82 26.03 12.50 -7.59
N VAL B 83 26.99 11.59 -7.48
CA VAL B 83 27.45 11.13 -6.18
C VAL B 83 28.94 11.40 -5.95
N LYS B 84 29.24 12.08 -4.84
CA LYS B 84 30.63 12.30 -4.45
C LYS B 84 30.92 11.49 -3.19
N HIS B 85 32.05 10.80 -3.20
CA HIS B 85 32.42 9.92 -2.10
C HIS B 85 33.93 9.67 -2.14
N ASP B 86 34.55 9.57 -0.97
CA ASP B 86 36.01 9.55 -0.90
C ASP B 86 36.65 8.34 -1.58
N SER B 87 35.83 7.37 -1.94
CA SER B 87 36.32 6.19 -2.66
C SER B 87 36.60 6.47 -4.13
N MET B 88 36.05 7.56 -4.65
CA MET B 88 36.20 7.88 -6.07
C MET B 88 36.97 9.17 -6.27
N ALA B 89 37.65 9.29 -7.41
CA ALA B 89 38.32 10.54 -7.75
C ALA B 89 37.33 11.55 -8.31
N GLU B 90 36.58 11.15 -9.34
CA GLU B 90 35.57 12.01 -9.94
C GLU B 90 34.20 11.65 -9.36
N PRO B 91 33.30 12.64 -9.24
CA PRO B 91 31.89 12.34 -8.97
C PRO B 91 31.31 11.37 -10.01
N LYS B 92 30.49 10.43 -9.56
CA LYS B 92 29.85 9.48 -10.47
C LYS B 92 28.43 9.95 -10.77
N THR B 93 28.10 10.10 -12.05
CA THR B 93 26.75 10.52 -12.46
C THR B 93 26.01 9.42 -13.21
N VAL B 94 24.81 9.09 -12.75
CA VAL B 94 23.95 8.15 -13.44
C VAL B 94 22.68 8.86 -13.91
N TYR B 95 22.38 8.73 -15.19
CA TYR B 95 21.22 9.34 -15.77
C TYR B 95 20.00 8.45 -15.65
N TRP B 96 18.81 9.05 -15.55
CA TRP B 96 17.58 8.29 -15.56
C TRP B 96 17.28 7.76 -16.95
N ASP B 97 16.94 6.48 -17.01
CA ASP B 97 16.51 5.78 -18.21
C ASP B 97 15.13 5.20 -17.87
N ARG B 98 14.08 5.69 -18.53
CA ARG B 98 12.74 5.27 -18.14
C ARG B 98 12.49 3.79 -18.45
N ASP B 99 13.36 3.20 -19.26
CA ASP B 99 13.25 1.77 -19.59
C ASP B 99 13.86 0.86 -18.54
N MET B 100 14.43 1.44 -17.50
CA MET B 100 15.08 0.66 -16.44
C MET B 100 14.80 1.18 -15.03
N PRO C 1 -17.17 -13.17 6.93
CA PRO C 1 -18.45 -13.06 6.21
C PRO C 1 -18.30 -12.76 4.71
N HIS C 2 -17.67 -13.67 3.97
CA HIS C 2 -17.39 -13.45 2.54
C HIS C 2 -18.65 -13.30 1.68
N SER C 3 -18.50 -12.62 0.55
CA SER C 3 -19.61 -12.36 -0.35
C SER C 3 -19.18 -12.26 -1.80
N MET C 4 -20.14 -12.49 -2.70
CA MET C 4 -19.95 -12.17 -4.11
C MET C 4 -21.19 -11.43 -4.54
N ARG C 5 -21.01 -10.48 -5.45
CA ARG C 5 -22.12 -9.70 -5.98
C ARG C 5 -21.88 -9.40 -7.43
N TYR C 6 -22.96 -9.44 -8.21
CA TYR C 6 -22.92 -8.80 -9.52
C TYR C 6 -23.89 -7.65 -9.53
N PHE C 7 -23.37 -6.47 -9.87
CA PHE C 7 -24.18 -5.26 -9.99
C PHE C 7 -24.33 -4.94 -11.45
N GLU C 8 -25.57 -4.98 -11.95
CA GLU C 8 -25.79 -4.81 -13.39
C GLU C 8 -26.71 -3.62 -13.68
N THR C 9 -26.45 -2.93 -14.79
CA THR C 9 -27.12 -1.67 -15.11
C THR C 9 -27.37 -1.60 -16.60
N ALA C 10 -28.62 -1.31 -16.99
CA ALA C 10 -28.89 -0.91 -18.37
C ALA C 10 -29.53 0.47 -18.36
N VAL C 11 -29.05 1.34 -19.23
CA VAL C 11 -29.55 2.70 -19.34
C VAL C 11 -30.01 2.94 -20.77
N SER C 12 -31.27 3.32 -20.96
CA SER C 12 -31.77 3.58 -22.31
C SER C 12 -31.36 4.97 -22.72
N ARG C 13 -31.19 5.15 -24.03
CA ARG C 13 -30.70 6.38 -24.64
C ARG C 13 -31.72 6.92 -25.63
N PRO C 14 -32.01 8.23 -25.54
CA PRO C 14 -32.98 8.93 -26.39
C PRO C 14 -32.77 8.75 -27.89
N GLU C 18 -30.35 2.25 -28.64
CA GLU C 18 -30.15 0.99 -27.91
C GLU C 18 -29.43 1.20 -26.58
N PRO C 19 -29.82 0.46 -25.53
CA PRO C 19 -29.37 0.77 -24.17
C PRO C 19 -27.90 0.44 -23.93
N ARG C 20 -27.26 1.12 -22.98
CA ARG C 20 -25.93 0.74 -22.55
C ARG C 20 -26.03 -0.26 -21.39
N TYR C 21 -25.31 -1.37 -21.48
CA TYR C 21 -25.38 -2.39 -20.42
C TYR C 21 -24.04 -2.50 -19.73
N ILE C 22 -24.04 -2.44 -18.41
CA ILE C 22 -22.81 -2.57 -17.64
C ILE C 22 -22.96 -3.59 -16.52
N SER C 23 -22.01 -4.51 -16.43
CA SER C 23 -22.00 -5.49 -15.33
C SER C 23 -20.67 -5.46 -14.59
N VAL C 24 -20.74 -5.44 -13.26
CA VAL C 24 -19.56 -5.42 -12.40
C VAL C 24 -19.69 -6.52 -11.38
N GLY C 25 -18.66 -7.35 -11.27
CA GLY C 25 -18.63 -8.42 -10.29
C GLY C 25 -17.70 -8.07 -9.16
N TYR C 26 -18.12 -8.40 -7.93
CA TYR C 26 -17.39 -8.08 -6.71
C TYR C 26 -17.19 -9.31 -5.84
N VAL C 27 -16.00 -9.47 -5.27
CA VAL C 27 -15.77 -10.43 -4.22
C VAL C 27 -15.36 -9.64 -2.97
N ASP C 28 -16.07 -9.86 -1.87
CA ASP C 28 -15.88 -9.11 -0.63
C ASP C 28 -15.82 -7.61 -0.87
N ASN C 29 -16.75 -7.10 -1.67
CA ASN C 29 -16.93 -5.66 -1.90
C ASN C 29 -15.85 -5.02 -2.75
N LYS C 30 -14.95 -5.85 -3.29
CA LYS C 30 -13.95 -5.32 -4.20
C LYS C 30 -14.14 -5.87 -5.60
N GLU C 31 -14.04 -4.97 -6.58
CA GLU C 31 -14.31 -5.29 -7.99
C GLU C 31 -13.30 -6.32 -8.51
N PHE C 32 -13.78 -7.36 -9.20
CA PHE C 32 -12.87 -8.36 -9.76
C PHE C 32 -13.13 -8.68 -11.25
N VAL C 33 -14.29 -8.29 -11.76
CA VAL C 33 -14.57 -8.35 -13.21
C VAL C 33 -15.49 -7.23 -13.64
N ARG C 34 -15.44 -6.88 -14.93
CA ARG C 34 -16.33 -5.85 -15.46
C ARG C 34 -16.61 -6.05 -16.95
N PHE C 35 -17.87 -5.87 -17.32
CA PHE C 35 -18.32 -5.88 -18.70
C PHE C 35 -19.04 -4.55 -19.02
N ASP C 36 -18.81 -4.01 -20.21
CA ASP C 36 -19.37 -2.71 -20.57
C ASP C 36 -19.65 -2.69 -22.08
N SER C 37 -20.92 -2.59 -22.47
CA SER C 37 -21.26 -2.70 -23.90
C SER C 37 -20.73 -1.54 -24.74
N ASP C 38 -20.24 -0.49 -24.08
CA ASP C 38 -19.73 0.67 -24.80
C ASP C 38 -18.29 0.45 -25.26
N ALA C 39 -17.63 -0.59 -24.78
CA ALA C 39 -16.26 -0.89 -25.21
C ALA C 39 -16.22 -1.26 -26.70
N GLU C 40 -15.05 -1.11 -27.31
CA GLU C 40 -14.89 -1.45 -28.73
C GLU C 40 -15.28 -2.89 -29.03
N ASN C 41 -14.71 -3.81 -28.26
CA ASN C 41 -15.05 -5.23 -28.35
C ASN C 41 -15.49 -5.74 -27.00
N PRO C 42 -16.79 -5.58 -26.67
CA PRO C 42 -17.28 -5.85 -25.31
C PRO C 42 -17.00 -7.27 -24.81
N ARG C 43 -16.30 -7.38 -23.68
CA ARG C 43 -15.93 -8.65 -23.07
C ARG C 43 -15.90 -8.46 -21.56
N TYR C 44 -16.14 -9.52 -20.81
CA TYR C 44 -15.80 -9.48 -19.40
C TYR C 44 -14.28 -9.37 -19.29
N GLU C 45 -13.80 -8.48 -18.45
CA GLU C 45 -12.38 -8.29 -18.28
C GLU C 45 -12.03 -8.50 -16.81
N PRO C 46 -10.82 -9.03 -16.55
CA PRO C 46 -10.35 -9.17 -15.17
C PRO C 46 -10.04 -7.80 -14.59
N ARG C 47 -10.38 -7.58 -13.33
CA ARG C 47 -10.12 -6.30 -12.67
C ARG C 47 -9.23 -6.45 -11.44
N ALA C 48 -8.83 -7.68 -11.17
CA ALA C 48 -7.81 -7.96 -10.16
C ALA C 48 -6.85 -9.00 -10.76
N PRO C 49 -5.55 -8.85 -10.47
CA PRO C 49 -4.55 -9.74 -11.06
C PRO C 49 -4.81 -11.23 -10.81
N TRP C 50 -5.39 -11.58 -9.66
CA TRP C 50 -5.56 -13.01 -9.35
C TRP C 50 -6.56 -13.71 -10.29
N MET C 51 -7.39 -12.93 -10.97
CA MET C 51 -8.37 -13.47 -11.91
C MET C 51 -7.75 -13.94 -13.22
N GLU C 52 -6.49 -13.63 -13.45
CA GLU C 52 -5.90 -14.02 -14.71
C GLU C 52 -5.47 -15.49 -14.71
N GLN C 53 -5.64 -16.18 -13.60
CA GLN C 53 -5.35 -17.61 -13.61
C GLN C 53 -6.56 -18.38 -14.15
N GLU C 54 -7.65 -17.68 -14.42
CA GLU C 54 -8.75 -18.25 -15.21
C GLU C 54 -8.39 -18.23 -16.70
N GLY C 55 -8.65 -19.35 -17.39
CA GLY C 55 -8.32 -19.50 -18.79
C GLY C 55 -9.33 -18.89 -19.75
N PRO C 56 -9.07 -19.00 -21.06
CA PRO C 56 -9.90 -18.34 -22.07
C PRO C 56 -11.33 -18.89 -22.11
N GLU C 57 -11.48 -20.18 -21.83
CA GLU C 57 -12.79 -20.80 -21.81
C GLU C 57 -13.69 -20.07 -20.80
N TYR C 58 -13.11 -19.74 -19.65
CA TYR C 58 -13.83 -18.98 -18.63
C TYR C 58 -14.35 -17.66 -19.19
N TRP C 59 -13.46 -16.89 -19.79
CA TRP C 59 -13.80 -15.55 -20.27
C TRP C 59 -14.81 -15.63 -21.41
N GLU C 60 -14.67 -16.61 -22.27
CA GLU C 60 -15.63 -16.82 -23.34
C GLU C 60 -17.03 -17.06 -22.77
N ARG C 61 -17.12 -17.93 -21.77
CA ARG C 61 -18.42 -18.28 -21.20
C ARG C 61 -19.07 -17.12 -20.46
N GLU C 62 -18.27 -16.39 -19.68
CA GLU C 62 -18.79 -15.22 -18.97
C GLU C 62 -19.26 -14.14 -19.95
N THR C 63 -18.48 -13.94 -21.00
CA THR C 63 -18.81 -12.94 -21.99
C THR C 63 -20.13 -13.29 -22.72
N GLN C 64 -20.35 -14.57 -23.04
CA GLN C 64 -21.64 -14.97 -23.61
C GLN C 64 -22.80 -14.76 -22.65
N LYS C 65 -22.58 -14.94 -21.35
CA LYS C 65 -23.62 -14.65 -20.38
C LYS C 65 -23.95 -13.16 -20.38
N ALA C 66 -22.92 -12.32 -20.44
CA ALA C 66 -23.14 -10.88 -20.50
C ALA C 66 -23.95 -10.49 -21.74
N LYS C 67 -23.62 -11.09 -22.87
CA LYS C 67 -24.32 -10.80 -24.12
C LYS C 67 -25.80 -11.14 -23.99
N GLY C 68 -26.07 -12.25 -23.30
CA GLY C 68 -27.43 -12.67 -23.05
C GLY C 68 -28.14 -11.75 -22.08
N GLN C 69 -27.43 -11.34 -21.03
CA GLN C 69 -27.97 -10.37 -20.06
C GLN C 69 -28.33 -9.07 -20.77
N GLU C 70 -27.46 -8.63 -21.66
CA GLU C 70 -27.69 -7.39 -22.38
C GLU C 70 -29.04 -7.43 -23.11
N GLN C 71 -29.33 -8.51 -23.82
CA GLN C 71 -30.62 -8.59 -24.52
C GLN C 71 -31.76 -8.73 -23.52
N TRP C 72 -31.51 -9.42 -22.41
CA TRP C 72 -32.52 -9.55 -21.35
C TRP C 72 -32.92 -8.16 -20.83
N PHE C 73 -31.94 -7.31 -20.62
CA PHE C 73 -32.18 -5.96 -20.10
C PHE C 73 -32.87 -5.08 -21.14
N ARG C 74 -32.48 -5.24 -22.40
CA ARG C 74 -33.15 -4.51 -23.48
C ARG C 74 -34.63 -4.89 -23.60
N VAL C 75 -34.94 -6.17 -23.52
CA VAL C 75 -36.34 -6.57 -23.59
C VAL C 75 -37.08 -6.10 -22.33
N SER C 76 -36.42 -6.23 -21.18
CA SER C 76 -37.06 -5.81 -19.94
C SER C 76 -37.35 -4.30 -19.93
N LEU C 77 -36.39 -3.49 -20.40
CA LEU C 77 -36.62 -2.05 -20.53
C LEU C 77 -37.87 -1.75 -21.35
N ARG C 78 -37.98 -2.40 -22.51
CA ARG C 78 -39.13 -2.26 -23.39
C ARG C 78 -40.43 -2.57 -22.65
N ASN C 79 -40.44 -3.67 -21.90
CA ASN C 79 -41.65 -4.05 -21.18
C ASN C 79 -42.05 -2.99 -20.14
N LEU C 80 -41.07 -2.50 -19.39
CA LEU C 80 -41.32 -1.52 -18.33
C LEU C 80 -41.88 -0.22 -18.89
N LEU C 81 -41.33 0.20 -20.04
CA LEU C 81 -41.87 1.34 -20.75
C LEU C 81 -43.38 1.16 -20.93
N GLY C 82 -43.78 -0.07 -21.24
CA GLY C 82 -45.19 -0.41 -21.38
C GLY C 82 -45.97 -0.30 -20.08
N TYR C 83 -45.45 -0.92 -19.02
CA TYR C 83 -46.15 -0.97 -17.72
C TYR C 83 -46.42 0.40 -17.13
N TYR C 84 -45.49 1.33 -17.34
CA TYR C 84 -45.59 2.65 -16.73
C TYR C 84 -46.14 3.71 -17.70
N ASN C 85 -46.56 3.26 -18.88
CA ASN C 85 -47.04 4.15 -19.94
C ASN C 85 -46.12 5.34 -20.20
N GLN C 86 -44.84 5.06 -20.28
CA GLN C 86 -43.83 6.06 -20.56
C GLN C 86 -43.59 6.14 -22.06
N SER C 87 -43.45 7.36 -22.58
CA SER C 87 -43.13 7.54 -23.99
C SER C 87 -41.65 7.20 -24.22
N ALA C 88 -41.32 6.76 -25.42
CA ALA C 88 -40.02 6.14 -25.72
C ALA C 88 -38.91 7.12 -26.11
N GLY C 89 -38.96 8.34 -25.60
CA GLY C 89 -37.96 9.34 -25.95
C GLY C 89 -37.06 9.81 -24.81
N GLY C 90 -37.23 9.24 -23.62
CA GLY C 90 -36.48 9.69 -22.46
C GLY C 90 -35.36 8.75 -22.02
N SER C 91 -34.85 8.98 -20.82
CA SER C 91 -33.84 8.10 -20.25
C SER C 91 -34.42 7.28 -19.11
N HIS C 92 -34.06 6.01 -19.06
CA HIS C 92 -34.63 5.09 -18.08
C HIS C 92 -33.54 4.16 -17.63
N THR C 93 -33.63 3.71 -16.39
CA THR C 93 -32.55 2.93 -15.81
C THR C 93 -33.08 1.67 -15.16
N LEU C 94 -32.49 0.55 -15.53
CA LEU C 94 -32.79 -0.72 -14.91
C LEU C 94 -31.54 -1.25 -14.23
N GLN C 95 -31.66 -1.62 -12.95
CA GLN C 95 -30.53 -2.15 -12.20
C GLN C 95 -30.84 -3.49 -11.55
N GLN C 96 -29.83 -4.35 -11.43
CA GLN C 96 -29.95 -5.65 -10.75
C GLN C 96 -28.80 -5.82 -9.77
N MET C 97 -29.05 -6.43 -8.63
CA MET C 97 -27.99 -6.87 -7.72
C MET C 97 -28.24 -8.33 -7.42
N SER C 98 -27.23 -9.18 -7.60
CA SER C 98 -27.41 -10.57 -7.25
C SER C 98 -26.18 -11.09 -6.56
N GLY C 99 -26.32 -12.16 -5.76
CA GLY C 99 -25.18 -12.75 -5.10
C GLY C 99 -25.46 -13.49 -3.82
N CYS C 100 -24.40 -13.83 -3.11
CA CYS C 100 -24.53 -14.66 -1.91
C CYS C 100 -23.57 -14.19 -0.81
N ASP C 101 -24.00 -14.36 0.44
CA ASP C 101 -23.14 -14.21 1.61
C ASP C 101 -22.76 -15.60 2.17
N LEU C 102 -21.48 -15.83 2.40
CA LEU C 102 -20.97 -17.09 2.96
C LEU C 102 -20.37 -16.89 4.36
N GLY C 103 -20.62 -17.82 5.27
CA GLY C 103 -20.04 -17.75 6.60
C GLY C 103 -18.73 -18.52 6.70
N SER C 104 -18.12 -18.52 7.88
CA SER C 104 -16.85 -19.22 8.11
C SER C 104 -16.97 -20.71 7.85
N ASP C 105 -18.18 -21.23 7.99
CA ASP C 105 -18.42 -22.66 7.82
C ASP C 105 -18.88 -22.97 6.39
N TRP C 106 -18.72 -21.99 5.52
CA TRP C 106 -19.02 -22.10 4.09
C TRP C 106 -20.49 -22.35 3.81
N ARG C 107 -21.31 -22.02 4.80
CA ARG C 107 -22.75 -22.07 4.70
C ARG C 107 -23.31 -20.79 4.07
N LEU C 108 -24.24 -20.92 3.13
CA LEU C 108 -24.94 -19.78 2.55
C LEU C 108 -25.75 -19.07 3.63
N LEU C 109 -25.39 -17.83 3.97
CA LEU C 109 -26.11 -17.08 4.99
C LEU C 109 -27.33 -16.37 4.40
N ARG C 110 -27.19 -15.92 3.17
CA ARG C 110 -28.22 -15.13 2.50
C ARG C 110 -27.95 -15.07 0.99
N GLY C 111 -28.96 -15.39 0.19
CA GLY C 111 -28.88 -15.18 -1.25
C GLY C 111 -29.63 -13.90 -1.59
N TYR C 112 -29.17 -13.19 -2.63
CA TYR C 112 -29.76 -11.90 -3.02
C TYR C 112 -30.12 -11.85 -4.51
N LEU C 113 -31.27 -11.29 -4.82
CA LEU C 113 -31.67 -11.04 -6.21
C LEU C 113 -32.72 -9.93 -6.20
N GLN C 114 -32.29 -8.73 -6.61
CA GLN C 114 -33.11 -7.53 -6.47
C GLN C 114 -33.03 -6.70 -7.76
N PHE C 115 -34.12 -6.07 -8.16
CA PHE C 115 -34.09 -5.18 -9.32
C PHE C 115 -34.65 -3.84 -8.91
N ALA C 116 -34.19 -2.79 -9.59
CA ALA C 116 -34.72 -1.45 -9.44
C ALA C 116 -35.00 -0.83 -10.81
N TYR C 117 -36.00 0.03 -10.89
CA TYR C 117 -36.28 0.80 -12.09
C TYR C 117 -36.36 2.26 -11.71
N GLU C 118 -35.76 3.13 -12.51
CA GLU C 118 -35.64 4.54 -12.14
C GLU C 118 -35.11 4.74 -10.72
N GLY C 119 -34.27 3.84 -10.25
CA GLY C 119 -33.63 4.05 -8.96
C GLY C 119 -34.47 3.67 -7.74
N ARG C 120 -35.61 3.01 -7.94
CA ARG C 120 -36.37 2.55 -6.78
C ARG C 120 -36.73 1.07 -6.89
N ASP C 121 -36.95 0.43 -5.74
CA ASP C 121 -37.21 -1.01 -5.69
C ASP C 121 -38.29 -1.36 -6.70
N TYR C 122 -38.05 -2.42 -7.47
CA TYR C 122 -39.05 -2.89 -8.43
C TYR C 122 -39.55 -4.24 -7.92
N ILE C 123 -38.70 -5.26 -7.97
CA ILE C 123 -39.04 -6.57 -7.44
C ILE C 123 -37.79 -7.22 -6.84
N ALA C 124 -37.99 -7.97 -5.76
CA ALA C 124 -36.87 -8.61 -5.06
C ALA C 124 -37.25 -10.01 -4.60
N LEU C 125 -36.32 -10.95 -4.74
CA LEU C 125 -36.50 -12.28 -4.21
C LEU C 125 -36.33 -12.23 -2.70
N ASN C 126 -37.26 -12.82 -1.97
CA ASN C 126 -37.17 -12.86 -0.52
C ASN C 126 -36.07 -13.75 -0.02
N GLU C 127 -35.78 -13.63 1.27
CA GLU C 127 -34.71 -14.39 1.91
C GLU C 127 -34.90 -15.90 1.77
N ASP C 128 -36.15 -16.33 1.69
CA ASP C 128 -36.45 -17.76 1.54
C ASP C 128 -36.01 -18.31 0.17
N LEU C 129 -35.65 -17.40 -0.72
CA LEU C 129 -35.31 -17.71 -2.11
C LEU C 129 -36.45 -18.49 -2.80
N LYS C 130 -37.68 -18.21 -2.39
CA LYS C 130 -38.86 -18.90 -2.95
C LYS C 130 -39.95 -17.93 -3.43
N THR C 131 -40.10 -16.80 -2.75
CA THR C 131 -41.18 -15.87 -3.07
C THR C 131 -40.65 -14.47 -3.33
N TRP C 132 -41.49 -13.62 -3.92
CA TRP C 132 -41.09 -12.29 -4.36
C TRP C 132 -41.78 -11.14 -3.62
N THR C 133 -41.06 -10.03 -3.45
CA THR C 133 -41.64 -8.78 -2.99
C THR C 133 -41.64 -7.74 -4.10
N ALA C 134 -42.83 -7.33 -4.55
CA ALA C 134 -42.98 -6.30 -5.59
C ALA C 134 -43.45 -4.98 -5.01
N ALA C 135 -42.76 -3.90 -5.41
CA ALA C 135 -42.85 -2.60 -4.74
C ALA C 135 -43.99 -1.71 -5.20
N ASP C 136 -44.56 -1.97 -6.37
CA ASP C 136 -45.64 -1.12 -6.82
C ASP C 136 -46.57 -1.86 -7.75
N MET C 137 -47.57 -1.13 -8.26
CA MET C 137 -48.61 -1.77 -9.03
C MET C 137 -48.06 -2.39 -10.31
N ALA C 138 -47.13 -1.70 -10.96
CA ALA C 138 -46.53 -2.18 -12.20
C ALA C 138 -45.77 -3.49 -11.98
N ALA C 139 -44.98 -3.55 -10.92
CA ALA C 139 -44.17 -4.73 -10.65
C ALA C 139 -45.03 -5.97 -10.36
N GLN C 140 -46.31 -5.78 -10.05
CA GLN C 140 -47.19 -6.95 -9.80
C GLN C 140 -47.37 -7.74 -11.08
N ILE C 141 -47.27 -7.05 -12.22
CA ILE C 141 -47.33 -7.74 -13.51
C ILE C 141 -46.17 -8.73 -13.62
N THR C 142 -44.97 -8.26 -13.30
CA THR C 142 -43.77 -9.10 -13.33
C THR C 142 -43.89 -10.22 -12.31
N ARG C 143 -44.29 -9.87 -11.09
CA ARG C 143 -44.41 -10.87 -10.04
C ARG C 143 -45.33 -12.02 -10.46
N ARG C 144 -46.50 -11.69 -10.99
CA ARG C 144 -47.43 -12.73 -11.44
C ARG C 144 -46.73 -13.62 -12.45
N LYS C 145 -46.13 -12.99 -13.46
CA LYS C 145 -45.45 -13.71 -14.52
C LYS C 145 -44.39 -14.67 -13.96
N TRP C 146 -43.57 -14.16 -13.06
CA TRP C 146 -42.49 -14.96 -12.48
C TRP C 146 -42.97 -16.03 -11.52
N GLU C 147 -44.14 -15.82 -10.91
CA GLU C 147 -44.72 -16.87 -10.08
C GLU C 147 -45.26 -17.97 -10.97
N GLN C 148 -45.94 -17.59 -12.03
CA GLN C 148 -46.56 -18.58 -12.92
C GLN C 148 -45.50 -19.48 -13.55
N SER C 149 -44.34 -18.90 -13.87
CA SER C 149 -43.27 -19.61 -14.56
C SER C 149 -42.27 -20.31 -13.63
N GLY C 150 -42.38 -20.11 -12.34
CA GLY C 150 -41.47 -20.74 -11.40
C GLY C 150 -40.05 -20.19 -11.44
N ALA C 151 -39.93 -18.90 -11.74
CA ALA C 151 -38.62 -18.28 -11.90
C ALA C 151 -37.71 -18.45 -10.67
N ALA C 152 -38.29 -18.34 -9.48
CA ALA C 152 -37.49 -18.36 -8.26
C ALA C 152 -36.64 -19.62 -8.13
N GLU C 153 -37.14 -20.76 -8.61
CA GLU C 153 -36.37 -22.00 -8.50
C GLU C 153 -35.08 -21.92 -9.29
N HIS C 154 -35.11 -21.15 -10.39
CA HIS C 154 -33.94 -20.99 -11.23
C HIS C 154 -32.90 -20.14 -10.51
N TYR C 155 -33.34 -19.05 -9.91
CA TYR C 155 -32.40 -18.20 -9.18
C TYR C 155 -31.90 -18.91 -7.91
N LYS C 156 -32.79 -19.64 -7.25
CA LYS C 156 -32.42 -20.41 -6.06
C LYS C 156 -31.27 -21.37 -6.36
N ALA C 157 -31.35 -22.06 -7.50
CA ALA C 157 -30.36 -23.07 -7.84
C ALA C 157 -29.01 -22.41 -8.07
N TYR C 158 -29.02 -21.22 -8.67
CA TYR C 158 -27.82 -20.44 -8.84
C TYR C 158 -27.25 -19.99 -7.50
N LEU C 159 -28.11 -19.42 -6.65
CA LEU C 159 -27.67 -18.81 -5.41
C LEU C 159 -27.14 -19.82 -4.41
N GLU C 160 -27.78 -20.99 -4.35
CA GLU C 160 -27.35 -22.05 -3.44
C GLU C 160 -26.26 -22.90 -4.05
N GLY C 161 -26.12 -22.81 -5.38
CA GLY C 161 -25.23 -23.68 -6.11
C GLY C 161 -24.00 -22.97 -6.63
N GLU C 162 -24.06 -22.53 -7.89
CA GLU C 162 -22.93 -21.90 -8.54
C GLU C 162 -22.37 -20.71 -7.76
N CYS C 163 -23.23 -19.85 -7.22
CA CYS C 163 -22.76 -18.65 -6.55
C CYS C 163 -21.81 -18.99 -5.40
N VAL C 164 -22.17 -19.94 -4.54
CA VAL C 164 -21.31 -20.22 -3.40
C VAL C 164 -20.06 -21.01 -3.81
N GLU C 165 -20.23 -21.98 -4.72
CA GLU C 165 -19.10 -22.79 -5.17
C GLU C 165 -18.06 -21.92 -5.86
N TRP C 166 -18.50 -21.04 -6.75
CA TRP C 166 -17.56 -20.18 -7.47
C TRP C 166 -16.93 -19.14 -6.56
N LEU C 167 -17.68 -18.60 -5.60
CA LEU C 167 -17.11 -17.72 -4.59
C LEU C 167 -16.01 -18.47 -3.82
N HIS C 168 -16.24 -19.73 -3.48
CA HIS C 168 -15.22 -20.44 -2.74
C HIS C 168 -13.98 -20.60 -3.62
N ARG C 169 -14.23 -20.87 -4.89
CA ARG C 169 -13.15 -21.05 -5.85
C ARG C 169 -12.31 -19.78 -5.90
N TYR C 170 -12.99 -18.65 -6.05
CA TYR C 170 -12.30 -17.37 -6.14
C TYR C 170 -11.48 -17.13 -4.87
N LEU C 171 -12.07 -17.42 -3.72
CA LEU C 171 -11.38 -17.22 -2.45
C LEU C 171 -10.13 -18.07 -2.40
N LYS C 172 -10.19 -19.28 -2.95
CA LYS C 172 -9.04 -20.17 -2.92
C LYS C 172 -7.98 -19.67 -3.88
N ASN C 173 -8.42 -19.26 -5.08
CA ASN C 173 -7.49 -18.75 -6.10
C ASN C 173 -6.82 -17.42 -5.76
N GLY C 174 -7.52 -16.56 -5.03
CA GLY C 174 -7.01 -15.23 -4.79
C GLY C 174 -6.74 -14.97 -3.33
N ASN C 175 -6.66 -16.05 -2.53
CA ASN C 175 -6.59 -15.96 -1.07
C ASN C 175 -5.70 -14.83 -0.51
N ALA C 176 -4.39 -14.93 -0.71
CA ALA C 176 -3.44 -13.99 -0.10
C ALA C 176 -3.82 -12.55 -0.41
N THR C 177 -4.30 -12.31 -1.62
CA THR C 177 -4.66 -10.97 -2.04
C THR C 177 -6.03 -10.58 -1.50
N LEU C 178 -6.98 -11.52 -1.54
CA LEU C 178 -8.34 -11.24 -1.09
C LEU C 178 -8.45 -11.00 0.41
N LEU C 179 -7.59 -11.64 1.20
CA LEU C 179 -7.62 -11.49 2.65
C LEU C 179 -6.73 -10.34 3.13
N ARG C 180 -6.02 -9.72 2.20
N ARG C 180 -6.01 -9.72 2.20
CA ARG C 180 -5.09 -8.65 2.54
CA ARG C 180 -5.08 -8.66 2.58
C ARG C 180 -5.83 -7.43 3.10
C ARG C 180 -5.84 -7.46 3.13
N THR C 181 -5.32 -6.91 4.22
CA THR C 181 -5.86 -5.67 4.81
C THR C 181 -4.81 -4.58 4.78
N ASP C 182 -5.27 -3.33 4.89
CA ASP C 182 -4.39 -2.18 5.12
C ASP C 182 -4.81 -1.50 6.43
N SER C 183 -3.87 -1.28 7.34
CA SER C 183 -4.24 -0.65 8.60
C SER C 183 -4.45 0.86 8.44
N PRO C 184 -5.37 1.43 9.23
CA PRO C 184 -5.47 2.89 9.22
C PRO C 184 -4.22 3.52 9.82
N LYS C 185 -3.73 4.58 9.20
CA LYS C 185 -2.70 5.43 9.81
C LYS C 185 -3.45 6.63 10.33
N ALA C 186 -3.29 6.92 11.62
CA ALA C 186 -4.14 7.88 12.31
C ALA C 186 -3.37 9.03 12.92
N HIS C 187 -4.02 10.19 12.98
CA HIS C 187 -3.42 11.36 13.62
C HIS C 187 -4.54 12.31 14.02
N VAL C 188 -4.23 13.21 14.95
CA VAL C 188 -5.20 14.18 15.42
C VAL C 188 -4.79 15.57 14.97
N THR C 189 -5.72 16.31 14.37
CA THR C 189 -5.44 17.71 14.03
C THR C 189 -6.22 18.66 14.93
N HIS C 190 -5.83 19.93 14.92
CA HIS C 190 -6.30 20.91 15.88
C HIS C 190 -6.65 22.19 15.10
N HIS C 191 -7.87 22.67 15.26
CA HIS C 191 -8.33 23.81 14.46
C HIS C 191 -9.08 24.77 15.33
N PRO C 192 -8.95 26.07 15.05
CA PRO C 192 -9.80 27.01 15.81
C PRO C 192 -11.25 26.76 15.43
N ARG C 193 -12.18 27.09 16.31
CA ARG C 193 -13.59 26.96 15.98
C ARG C 193 -14.29 28.25 16.34
N SER C 194 -14.14 28.62 17.60
CA SER C 194 -14.70 29.85 18.10
C SER C 194 -13.83 30.29 19.27
N LYS C 195 -14.29 31.28 20.01
CA LYS C 195 -13.42 31.92 20.97
C LYS C 195 -13.44 31.02 22.20
N GLY C 196 -12.27 30.51 22.59
CA GLY C 196 -12.17 29.58 23.69
C GLY C 196 -12.53 28.15 23.33
N GLU C 197 -12.98 27.92 22.11
CA GLU C 197 -13.32 26.57 21.69
C GLU C 197 -12.57 26.16 20.42
N VAL C 198 -12.11 24.92 20.38
CA VAL C 198 -11.34 24.41 19.25
C VAL C 198 -11.91 23.06 18.77
N THR C 199 -11.55 22.67 17.56
CA THR C 199 -11.96 21.41 16.97
C THR C 199 -10.77 20.44 17.01
N LEU C 200 -11.00 19.24 17.54
CA LEU C 200 -10.04 18.14 17.40
C LEU C 200 -10.60 17.18 16.37
N ARG C 201 -9.82 16.92 15.32
CA ARG C 201 -10.24 16.02 14.25
C ARG C 201 -9.33 14.80 14.27
N CYS C 202 -9.93 13.63 14.41
CA CYS C 202 -9.19 12.39 14.42
C CYS C 202 -9.28 11.75 13.05
N TRP C 203 -8.13 11.59 12.40
CA TRP C 203 -8.08 11.10 11.03
C TRP C 203 -7.64 9.65 10.93
N ALA C 204 -8.36 8.85 10.14
CA ALA C 204 -7.88 7.53 9.72
C ALA C 204 -7.70 7.52 8.22
N LEU C 205 -6.48 7.20 7.79
CA LEU C 205 -6.11 7.24 6.38
C LEU C 205 -5.54 5.93 5.93
N GLY C 206 -5.87 5.55 4.70
CA GLY C 206 -5.16 4.47 4.03
C GLY C 206 -5.55 3.07 4.46
N PHE C 207 -6.76 2.90 5.00
CA PHE C 207 -7.16 1.58 5.49
C PHE C 207 -7.99 0.83 4.44
N TYR C 208 -8.03 -0.48 4.61
CA TYR C 208 -8.81 -1.39 3.77
C TYR C 208 -8.98 -2.68 4.55
N PRO C 209 -10.21 -3.24 4.60
CA PRO C 209 -11.43 -2.75 3.94
C PRO C 209 -12.02 -1.45 4.50
N ALA C 210 -13.18 -1.06 3.99
CA ALA C 210 -13.78 0.23 4.32
C ALA C 210 -14.36 0.27 5.72
N ASP C 211 -14.81 -0.87 6.22
CA ASP C 211 -15.37 -0.96 7.57
C ASP C 211 -14.38 -0.46 8.63
N ILE C 212 -14.78 0.54 9.41
CA ILE C 212 -13.91 1.09 10.45
C ILE C 212 -14.78 1.74 11.51
N THR C 213 -14.28 1.82 12.74
CA THR C 213 -14.98 2.54 13.80
C THR C 213 -14.04 3.54 14.47
N LEU C 214 -14.45 4.80 14.44
CA LEU C 214 -13.77 5.90 15.13
C LEU C 214 -14.60 6.36 16.32
N THR C 215 -13.95 6.53 17.47
CA THR C 215 -14.66 7.06 18.65
C THR C 215 -13.86 8.14 19.35
N TRP C 216 -14.58 9.08 19.99
CA TRP C 216 -13.98 10.06 20.88
C TRP C 216 -14.42 9.83 22.31
N GLN C 217 -13.47 9.90 23.25
CA GLN C 217 -13.76 9.65 24.66
C GLN C 217 -13.33 10.80 25.57
N LEU C 218 -14.20 11.15 26.51
CA LEU C 218 -13.91 12.14 27.54
C LEU C 218 -14.18 11.53 28.91
N ASN C 219 -13.15 11.48 29.76
CA ASN C 219 -13.28 10.93 31.11
C ASN C 219 -13.95 9.56 31.10
N GLY C 220 -13.61 8.75 30.10
CA GLY C 220 -14.08 7.37 30.02
C GLY C 220 -15.50 7.15 29.53
N GLU C 221 -15.99 8.04 28.67
CA GLU C 221 -17.30 7.86 28.04
C GLU C 221 -17.32 8.41 26.61
N GLU C 222 -17.90 7.64 25.70
CA GLU C 222 -17.91 7.95 24.27
C GLU C 222 -18.99 8.97 23.91
N LEU C 223 -18.91 9.51 22.69
CA LEU C 223 -19.73 10.67 22.33
C LEU C 223 -20.77 10.42 21.23
N THR C 224 -21.77 11.30 21.18
CA THR C 224 -22.85 11.26 20.19
C THR C 224 -23.50 12.64 19.99
N MET C 227 -20.13 14.70 18.50
CA MET C 227 -19.14 14.18 17.55
C MET C 227 -19.63 14.22 16.11
N GLU C 228 -18.82 14.81 15.22
CA GLU C 228 -19.13 14.89 13.80
C GLU C 228 -18.32 13.84 13.05
N LEU C 229 -18.96 13.18 12.07
CA LEU C 229 -18.40 11.99 11.45
C LEU C 229 -18.69 11.91 9.95
N VAL C 230 -17.68 12.11 9.09
CA VAL C 230 -17.89 12.04 7.63
C VAL C 230 -18.08 10.61 7.17
N GLU C 231 -18.75 10.48 6.04
CA GLU C 231 -18.92 9.18 5.38
C GLU C 231 -17.55 8.72 4.94
N THR C 232 -17.28 7.43 5.10
CA THR C 232 -16.03 6.88 4.63
C THR C 232 -15.90 7.11 3.13
N ARG C 233 -14.71 7.49 2.69
CA ARG C 233 -14.52 7.89 1.30
C ARG C 233 -13.25 7.28 0.73
N PRO C 234 -13.24 7.01 -0.58
CA PRO C 234 -12.07 6.41 -1.22
C PRO C 234 -10.92 7.40 -1.35
N ALA C 235 -9.70 6.93 -1.12
CA ALA C 235 -8.54 7.78 -1.30
C ALA C 235 -8.17 7.86 -2.80
N GLY C 236 -8.63 6.85 -3.55
CA GLY C 236 -8.40 6.79 -4.99
C GLY C 236 -7.32 5.78 -5.33
N ASP C 237 -6.65 5.24 -4.31
CA ASP C 237 -5.57 4.28 -4.54
C ASP C 237 -5.94 2.89 -4.04
N GLY C 238 -7.23 2.66 -3.84
CA GLY C 238 -7.69 1.38 -3.31
C GLY C 238 -7.99 1.43 -1.82
N THR C 239 -7.46 2.42 -1.09
CA THR C 239 -7.75 2.52 0.33
C THR C 239 -8.83 3.58 0.64
N PHE C 240 -9.20 3.69 1.92
CA PHE C 240 -10.29 4.59 2.33
C PHE C 240 -9.84 5.57 3.42
N GLN C 241 -10.66 6.59 3.62
CA GLN C 241 -10.42 7.61 4.64
C GLN C 241 -11.67 7.84 5.46
N LYS C 242 -11.49 8.23 6.71
CA LYS C 242 -12.59 8.71 7.51
C LYS C 242 -12.05 9.63 8.58
N TRP C 243 -12.86 10.56 9.05
CA TRP C 243 -12.47 11.31 10.22
C TRP C 243 -13.64 11.60 11.14
N ALA C 244 -13.30 11.89 12.38
CA ALA C 244 -14.28 12.17 13.42
C ALA C 244 -13.79 13.38 14.17
N SER C 245 -14.66 14.35 14.41
CA SER C 245 -14.21 15.54 15.12
C SER C 245 -15.11 15.92 16.29
N VAL C 246 -14.53 16.57 17.28
CA VAL C 246 -15.28 17.10 18.44
C VAL C 246 -14.83 18.52 18.72
N VAL C 247 -15.65 19.27 19.45
CA VAL C 247 -15.25 20.60 19.88
C VAL C 247 -14.93 20.52 21.38
N VAL C 248 -13.77 21.05 21.76
CA VAL C 248 -13.35 21.04 23.15
C VAL C 248 -12.94 22.46 23.56
N PRO C 249 -12.96 22.75 24.88
CA PRO C 249 -12.45 24.06 25.33
C PRO C 249 -10.94 24.18 25.13
N LEU C 250 -10.47 25.37 24.77
CA LEU C 250 -9.03 25.60 24.61
C LEU C 250 -8.29 25.21 25.89
N GLY C 251 -7.20 24.47 25.74
CA GLY C 251 -6.34 24.14 26.87
C GLY C 251 -6.53 22.76 27.49
N LYS C 252 -7.68 22.14 27.27
CA LYS C 252 -7.94 20.83 27.84
C LYS C 252 -8.10 19.74 26.79
N GLU C 253 -7.38 19.94 25.68
CA GLU C 253 -7.30 18.97 24.62
C GLU C 253 -6.87 17.59 25.13
N GLN C 254 -6.04 17.57 26.16
CA GLN C 254 -5.48 16.33 26.67
C GLN C 254 -6.51 15.45 27.39
N ASN C 255 -7.68 16.01 27.68
CA ASN C 255 -8.75 15.23 28.31
C ASN C 255 -9.51 14.35 27.32
N TYR C 256 -9.24 14.58 26.04
CA TYR C 256 -9.95 13.86 25.00
C TYR C 256 -9.05 12.81 24.37
N THR C 257 -9.63 11.65 24.13
CA THR C 257 -8.91 10.53 23.54
C THR C 257 -9.68 10.02 22.34
N CYS C 258 -9.01 9.89 21.20
CA CYS C 258 -9.60 9.27 20.02
C CYS C 258 -9.17 7.81 19.94
N ARG C 259 -10.08 6.91 19.61
CA ARG C 259 -9.68 5.52 19.36
C ARG C 259 -10.12 5.02 17.98
N VAL C 260 -9.32 4.14 17.40
CA VAL C 260 -9.58 3.62 16.06
C VAL C 260 -9.64 2.08 16.04
N TYR C 261 -10.77 1.55 15.60
CA TYR C 261 -10.95 0.11 15.49
C TYR C 261 -11.01 -0.32 14.03
N HIS C 262 -10.14 -1.23 13.64
CA HIS C 262 -10.10 -1.73 12.26
C HIS C 262 -9.48 -3.11 12.22
N GLU C 263 -9.99 -4.00 11.37
CA GLU C 263 -9.54 -5.38 11.41
C GLU C 263 -8.09 -5.52 10.96
N GLY C 264 -7.54 -4.46 10.35
CA GLY C 264 -6.16 -4.49 9.93
C GLY C 264 -5.18 -4.14 11.06
N LEU C 265 -5.72 -3.72 12.20
CA LEU C 265 -4.87 -3.29 13.33
C LEU C 265 -4.56 -4.43 14.30
N PRO C 266 -3.28 -4.56 14.71
CA PRO C 266 -2.96 -5.60 15.71
C PRO C 266 -3.40 -5.16 17.10
N GLU C 267 -3.66 -3.87 17.23
CA GLU C 267 -4.17 -3.28 18.47
C GLU C 267 -4.90 -2.00 18.10
N PRO C 268 -6.09 -1.77 18.69
CA PRO C 268 -6.81 -0.53 18.40
C PRO C 268 -5.97 0.67 18.77
N LEU C 269 -6.01 1.72 17.96
CA LEU C 269 -5.20 2.89 18.21
C LEU C 269 -5.80 3.75 19.31
N THR C 270 -4.93 4.37 20.12
CA THR C 270 -5.37 5.37 21.09
C THR C 270 -4.56 6.64 20.83
N LEU C 271 -5.25 7.75 20.60
CA LEU C 271 -4.58 8.97 20.17
C LEU C 271 -5.03 10.18 20.95
N ARG C 272 -4.08 11.07 21.20
CA ARG C 272 -4.40 12.38 21.74
C ARG C 272 -3.77 13.45 20.85
N TRP C 273 -4.35 14.65 20.88
CA TRP C 273 -3.72 15.80 20.25
C TRP C 273 -2.28 15.96 20.77
N GLU C 274 -1.33 16.12 19.85
CA GLU C 274 0.08 16.27 20.24
C GLU C 274 0.63 17.66 19.91
N PRO C 275 0.76 18.52 20.94
CA PRO C 275 1.26 19.89 20.79
C PRO C 275 2.71 19.96 20.30
N LYS D 4 -32.92 11.90 -7.08
CA LYS D 4 -31.95 11.93 -5.97
C LYS D 4 -30.80 12.91 -6.19
N THR D 5 -30.62 13.82 -5.22
CA THR D 5 -29.64 14.91 -5.28
C THR D 5 -28.21 14.51 -4.86
N PRO D 6 -27.22 14.80 -5.72
CA PRO D 6 -25.85 14.33 -5.47
C PRO D 6 -25.24 14.93 -4.19
N GLN D 7 -24.57 14.07 -3.43
CA GLN D 7 -23.81 14.49 -2.25
C GLN D 7 -22.34 14.57 -2.60
N ILE D 8 -21.63 15.58 -2.07
CA ILE D 8 -20.27 15.83 -2.51
C ILE D 8 -19.27 15.96 -1.37
N GLN D 9 -18.12 15.29 -1.51
CA GLN D 9 -16.97 15.54 -0.66
C GLN D 9 -15.77 15.92 -1.50
N VAL D 10 -15.06 16.96 -1.10
CA VAL D 10 -13.84 17.38 -1.77
C VAL D 10 -12.68 17.28 -0.77
N TYR D 11 -11.62 16.58 -1.14
CA TYR D 11 -10.58 16.28 -0.17
C TYR D 11 -9.37 15.73 -0.89
N SER D 12 -8.23 15.80 -0.23
CA SER D 12 -6.98 15.37 -0.85
C SER D 12 -6.67 13.91 -0.52
N ARG D 13 -5.92 13.26 -1.40
CA ARG D 13 -5.57 11.87 -1.13
C ARG D 13 -4.62 11.76 0.06
N HIS D 14 -3.68 12.70 0.16
CA HIS D 14 -2.70 12.72 1.25
C HIS D 14 -2.94 13.96 2.12
N PRO D 15 -2.50 13.92 3.39
CA PRO D 15 -2.54 15.15 4.22
C PRO D 15 -1.85 16.30 3.49
N PRO D 16 -2.50 17.46 3.44
CA PRO D 16 -1.95 18.49 2.55
C PRO D 16 -0.73 19.20 3.11
N GLU D 17 0.14 19.59 2.20
CA GLU D 17 1.32 20.34 2.56
C GLU D 17 1.58 21.30 1.42
N ASN D 18 1.70 22.59 1.73
CA ASN D 18 1.89 23.58 0.68
C ASN D 18 3.14 23.26 -0.11
N GLY D 19 3.03 23.25 -1.44
CA GLY D 19 4.19 23.01 -2.27
C GLY D 19 4.43 21.56 -2.64
N LYS D 20 3.70 20.64 -2.02
CA LYS D 20 3.92 19.23 -2.27
C LYS D 20 2.82 18.63 -3.14
N PRO D 21 3.20 18.05 -4.28
CA PRO D 21 2.26 17.39 -5.21
C PRO D 21 1.35 16.40 -4.48
N ASN D 22 0.09 16.38 -4.88
CA ASN D 22 -0.95 15.67 -4.14
C ASN D 22 -2.09 15.37 -5.13
N ILE D 23 -3.16 14.75 -4.65
CA ILE D 23 -4.27 14.40 -5.51
C ILE D 23 -5.50 15.01 -4.87
N LEU D 24 -6.27 15.75 -5.66
CA LEU D 24 -7.51 16.29 -5.15
C LEU D 24 -8.69 15.45 -5.62
N ASN D 25 -9.44 14.93 -4.66
CA ASN D 25 -10.59 14.09 -4.96
C ASN D 25 -11.91 14.82 -4.90
N CYS D 26 -12.81 14.45 -5.81
CA CYS D 26 -14.19 14.86 -5.69
C CYS D 26 -15.07 13.62 -5.73
N TYR D 27 -15.64 13.31 -4.57
CA TYR D 27 -16.40 12.08 -4.37
C TYR D 27 -17.87 12.43 -4.37
N VAL D 28 -18.55 11.99 -5.42
CA VAL D 28 -19.95 12.33 -5.64
C VAL D 28 -20.82 11.09 -5.49
N THR D 29 -21.81 11.15 -4.61
CA THR D 29 -22.62 9.99 -4.26
C THR D 29 -24.09 10.34 -4.26
N GLN D 30 -24.91 9.30 -4.05
CA GLN D 30 -26.34 9.41 -3.83
C GLN D 30 -27.08 10.03 -4.99
N PHE D 31 -26.62 9.82 -6.22
CA PHE D 31 -27.35 10.46 -7.31
C PHE D 31 -27.98 9.43 -8.26
N HIS D 32 -28.96 9.92 -9.01
CA HIS D 32 -29.75 9.11 -9.94
C HIS D 32 -30.56 10.10 -10.75
N PRO D 33 -30.61 9.93 -12.09
CA PRO D 33 -30.00 8.95 -12.99
C PRO D 33 -28.46 9.00 -13.01
N PRO D 34 -27.82 7.97 -13.58
CA PRO D 34 -26.35 7.88 -13.52
C PRO D 34 -25.61 8.96 -14.37
N HIS D 35 -26.27 9.53 -15.37
CA HIS D 35 -25.60 10.59 -16.15
C HIS D 35 -25.34 11.82 -15.29
N ILE D 36 -24.10 12.33 -15.36
CA ILE D 36 -23.71 13.45 -14.54
C ILE D 36 -22.48 14.16 -15.11
N GLU D 37 -22.37 15.46 -14.88
CA GLU D 37 -21.21 16.23 -15.30
C GLU D 37 -20.49 16.82 -14.09
N ILE D 38 -19.21 16.48 -13.97
CA ILE D 38 -18.37 16.95 -12.87
C ILE D 38 -17.17 17.70 -13.42
N GLN D 39 -16.95 18.90 -12.91
CA GLN D 39 -15.79 19.68 -13.28
C GLN D 39 -14.99 19.95 -12.02
N MET D 40 -13.70 20.13 -12.15
CA MET D 40 -12.90 20.50 -11.01
C MET D 40 -12.21 21.80 -11.37
N LEU D 41 -12.19 22.72 -10.43
CA LEU D 41 -11.73 24.07 -10.72
C LEU D 41 -10.59 24.51 -9.83
N LYS D 42 -9.65 25.24 -10.42
CA LYS D 42 -8.58 25.87 -9.66
C LYS D 42 -8.76 27.36 -9.79
N ASN D 43 -9.03 28.05 -8.69
CA ASN D 43 -9.29 29.49 -8.74
C ASN D 43 -10.40 29.80 -9.73
N GLY D 44 -11.46 29.01 -9.70
CA GLY D 44 -12.59 29.26 -10.58
C GLY D 44 -12.43 28.77 -12.01
N LYS D 45 -11.21 28.38 -12.41
CA LYS D 45 -10.95 27.96 -13.78
C LYS D 45 -10.98 26.45 -13.92
N LYS D 46 -11.63 25.97 -14.97
CA LYS D 46 -11.79 24.53 -15.16
C LYS D 46 -10.43 23.85 -15.34
N ILE D 47 -10.15 22.84 -14.52
CA ILE D 47 -8.93 22.05 -14.65
C ILE D 47 -9.10 21.04 -15.78
N PRO D 48 -8.15 21.01 -16.74
CA PRO D 48 -8.34 20.21 -17.96
C PRO D 48 -8.10 18.70 -17.81
N LYS D 49 -7.16 18.29 -16.96
CA LYS D 49 -6.87 16.87 -16.84
C LYS D 49 -7.55 16.32 -15.58
N VAL D 50 -8.76 15.80 -15.77
CA VAL D 50 -9.57 15.27 -14.68
C VAL D 50 -9.93 13.81 -14.95
N GLU D 51 -9.55 12.91 -14.05
CA GLU D 51 -9.81 11.48 -14.21
C GLU D 51 -11.16 11.13 -13.57
N MET D 52 -11.86 10.17 -14.15
CA MET D 52 -13.15 9.74 -13.62
C MET D 52 -13.14 8.24 -13.40
N SER D 53 -13.59 7.81 -12.23
CA SER D 53 -13.72 6.37 -11.99
C SER D 53 -14.85 5.85 -12.86
N ASP D 54 -14.96 4.53 -12.96
CA ASP D 54 -16.03 3.94 -13.74
C ASP D 54 -17.35 3.94 -12.97
N MET D 55 -18.44 3.79 -13.72
CA MET D 55 -19.79 3.81 -13.18
C MET D 55 -20.05 2.74 -12.13
N SER D 56 -20.43 3.15 -10.92
CA SER D 56 -20.81 2.18 -9.88
C SER D 56 -22.04 2.63 -9.09
N PHE D 57 -22.75 1.68 -8.46
CA PHE D 57 -23.86 2.08 -7.60
C PHE D 57 -23.83 1.34 -6.28
N SER D 58 -24.51 1.88 -5.28
N SER D 58 -24.53 1.88 -5.29
CA SER D 58 -24.50 1.30 -3.95
CA SER D 58 -24.50 1.29 -3.96
C SER D 58 -25.74 0.44 -3.70
C SER D 58 -25.77 0.48 -3.68
N LYS D 59 -25.78 -0.18 -2.52
CA LYS D 59 -26.90 -1.06 -2.15
C LYS D 59 -28.25 -0.36 -2.13
N ASP D 60 -28.27 0.96 -1.98
CA ASP D 60 -29.54 1.70 -2.05
C ASP D 60 -29.88 2.14 -3.50
N TRP D 61 -29.15 1.57 -4.46
CA TRP D 61 -29.32 1.78 -5.91
C TRP D 61 -28.71 3.08 -6.44
N SER D 62 -28.39 4.01 -5.55
CA SER D 62 -27.87 5.29 -6.00
C SER D 62 -26.45 5.13 -6.56
N PHE D 63 -26.10 5.95 -7.53
CA PHE D 63 -24.79 5.89 -8.15
C PHE D 63 -23.75 6.75 -7.43
N TYR D 64 -22.48 6.40 -7.61
CA TYR D 64 -21.38 7.21 -7.10
C TYR D 64 -20.24 7.21 -8.07
N ILE D 65 -19.38 8.21 -7.96
CA ILE D 65 -18.23 8.32 -8.84
C ILE D 65 -17.14 9.16 -8.15
N LEU D 66 -15.89 8.85 -8.46
CA LEU D 66 -14.76 9.61 -7.92
C LEU D 66 -14.02 10.30 -9.05
N ALA D 67 -14.02 11.63 -9.01
CA ALA D 67 -13.22 12.43 -9.91
C ALA D 67 -11.96 12.84 -9.16
N HIS D 68 -10.86 12.95 -9.88
CA HIS D 68 -9.64 13.44 -9.23
C HIS D 68 -8.70 14.07 -10.22
N THR D 69 -7.79 14.86 -9.67
CA THR D 69 -6.83 15.63 -10.47
C THR D 69 -5.56 15.79 -9.66
N GLU D 70 -4.44 15.85 -10.36
CA GLU D 70 -3.16 16.16 -9.73
C GLU D 70 -3.20 17.62 -9.32
N PHE D 71 -2.79 17.94 -8.09
CA PHE D 71 -2.65 19.35 -7.71
C PHE D 71 -1.54 19.53 -6.69
N THR D 72 -1.06 20.76 -6.60
CA THR D 72 -0.08 21.13 -5.59
C THR D 72 -0.62 22.31 -4.82
N PRO D 73 -1.14 22.04 -3.62
CA PRO D 73 -1.75 23.13 -2.84
C PRO D 73 -0.78 24.23 -2.46
N THR D 74 -1.33 25.44 -2.35
CA THR D 74 -0.59 26.58 -1.85
C THR D 74 -1.45 27.27 -0.81
N GLU D 75 -0.91 28.30 -0.18
CA GLU D 75 -1.62 29.04 0.85
C GLU D 75 -2.90 29.68 0.31
N THR D 76 -2.88 30.14 -0.93
CA THR D 76 -3.97 31.01 -1.42
C THR D 76 -4.84 30.48 -2.56
N ASP D 77 -4.35 29.50 -3.33
CA ASP D 77 -5.17 28.91 -4.41
C ASP D 77 -6.41 28.20 -3.87
N THR D 78 -7.55 28.43 -4.50
CA THR D 78 -8.77 27.71 -4.15
C THR D 78 -8.97 26.54 -5.10
N TYR D 79 -9.66 25.52 -4.62
CA TYR D 79 -10.04 24.40 -5.47
C TYR D 79 -11.50 24.08 -5.16
N ALA D 80 -12.21 23.59 -6.16
CA ALA D 80 -13.62 23.27 -5.99
C ALA D 80 -14.00 22.16 -6.93
N CYS D 81 -15.11 21.52 -6.61
CA CYS D 81 -15.69 20.54 -7.48
C CYS D 81 -17.06 21.06 -7.88
N ARG D 82 -17.38 21.01 -9.17
CA ARG D 82 -18.64 21.59 -9.65
C ARG D 82 -19.46 20.53 -10.38
N VAL D 83 -20.67 20.28 -9.89
CA VAL D 83 -21.45 19.14 -10.35
C VAL D 83 -22.75 19.56 -11.01
N LYS D 84 -22.97 19.07 -12.24
CA LYS D 84 -24.22 19.30 -12.95
C LYS D 84 -24.98 17.97 -13.08
N HIS D 85 -26.24 17.98 -12.70
CA HIS D 85 -27.04 16.78 -12.68
C HIS D 85 -28.52 17.16 -12.80
N ASP D 86 -29.32 16.30 -13.43
CA ASP D 86 -30.71 16.63 -13.71
C ASP D 86 -31.55 16.92 -12.46
N SER D 87 -31.11 16.41 -11.31
CA SER D 87 -31.87 16.56 -10.07
C SER D 87 -31.83 17.97 -9.50
N MET D 88 -30.89 18.78 -9.97
CA MET D 88 -30.72 20.12 -9.45
C MET D 88 -30.99 21.16 -10.51
N ALA D 89 -31.66 22.24 -10.11
CA ALA D 89 -31.97 23.33 -11.03
C ALA D 89 -30.70 23.99 -11.51
N GLU D 90 -29.72 24.11 -10.62
CA GLU D 90 -28.45 24.75 -10.96
C GLU D 90 -27.29 23.89 -10.46
N PRO D 91 -26.11 24.01 -11.09
CA PRO D 91 -24.97 23.21 -10.67
C PRO D 91 -24.61 23.49 -9.23
N LYS D 92 -23.95 22.53 -8.60
CA LYS D 92 -23.56 22.66 -7.22
C LYS D 92 -22.04 22.72 -7.16
N THR D 93 -21.52 23.72 -6.47
CA THR D 93 -20.09 23.92 -6.37
C THR D 93 -19.67 23.80 -4.93
N VAL D 94 -18.71 22.92 -4.66
CA VAL D 94 -18.22 22.69 -3.30
C VAL D 94 -16.72 22.94 -3.23
N TYR D 95 -16.29 23.85 -2.37
CA TYR D 95 -14.88 24.20 -2.27
C TYR D 95 -14.12 23.26 -1.36
N TRP D 96 -12.88 22.96 -1.73
CA TRP D 96 -11.93 22.21 -0.90
C TRP D 96 -11.63 22.95 0.37
N ASP D 97 -11.77 22.26 1.51
CA ASP D 97 -11.37 22.79 2.81
C ASP D 97 -10.29 21.86 3.34
N ARG D 98 -9.06 22.36 3.44
CA ARG D 98 -7.91 21.51 3.72
C ARG D 98 -7.93 20.93 5.14
N ASP D 99 -8.85 21.43 5.99
CA ASP D 99 -9.01 20.84 7.30
C ASP D 99 -10.03 19.69 7.32
N MET D 100 -10.61 19.36 6.17
CA MET D 100 -11.65 18.32 6.15
C MET D 100 -11.53 17.27 5.04
N TYR E 1 14.03 -4.75 21.76
CA TYR E 1 14.76 -4.78 23.03
C TYR E 1 16.27 -4.76 22.82
N ALA E 2 16.87 -3.59 22.92
CA ALA E 2 18.26 -3.40 22.53
C ALA E 2 19.21 -4.17 23.44
N ILE E 3 20.39 -4.48 22.90
CA ILE E 3 21.43 -5.17 23.64
C ILE E 3 22.28 -4.17 24.44
N GLU E 4 22.78 -4.57 25.60
CA GLU E 4 23.77 -3.75 26.31
C GLU E 4 25.13 -4.43 26.24
N ASN E 5 26.11 -3.77 25.63
CA ASN E 5 27.42 -4.39 25.51
C ASN E 5 28.16 -4.44 26.84
N TYR E 6 28.99 -5.45 26.99
CA TYR E 6 29.81 -5.67 28.20
C TYR E 6 31.08 -4.81 28.13
N LEU E 7 32.23 -5.44 28.30
CA LEU E 7 33.53 -4.77 28.22
C LEU E 7 33.79 -4.20 26.83
N GLU E 8 34.42 -3.04 26.76
CA GLU E 8 34.72 -2.38 25.49
C GLU E 8 35.71 -3.16 24.64
N LEU E 9 35.82 -2.84 23.36
CA LEU E 9 36.79 -3.48 22.48
C LEU E 9 38.22 -3.33 23.01
N TYR F 1 -18.70 -15.58 -11.22
CA TYR F 1 -19.51 -16.45 -12.08
C TYR F 1 -20.89 -15.84 -12.24
N ALA F 2 -21.07 -15.08 -13.32
CA ALA F 2 -22.26 -14.28 -13.52
C ALA F 2 -23.54 -15.12 -13.60
N ILE F 3 -24.62 -14.50 -13.15
CA ILE F 3 -25.95 -15.04 -13.21
C ILE F 3 -26.54 -14.88 -14.62
N GLU F 4 -27.31 -15.87 -15.06
CA GLU F 4 -28.12 -15.75 -16.26
C GLU F 4 -29.58 -15.66 -15.84
N ASN F 5 -30.24 -14.54 -16.15
CA ASN F 5 -31.63 -14.36 -15.74
C ASN F 5 -32.60 -15.29 -16.50
N TYR F 6 -33.75 -15.57 -15.87
CA TYR F 6 -34.78 -16.44 -16.45
C TYR F 6 -35.73 -15.58 -17.30
N LEU F 7 -37.03 -15.62 -17.03
CA LEU F 7 -37.97 -14.73 -17.73
C LEU F 7 -37.68 -13.25 -17.55
N GLU F 8 -37.99 -12.46 -18.57
CA GLU F 8 -37.80 -11.01 -18.50
C GLU F 8 -38.80 -10.38 -17.56
N LEU F 9 -38.59 -9.10 -17.23
CA LEU F 9 -39.56 -8.39 -16.42
C LEU F 9 -40.90 -8.31 -17.15
#